data_3C7T
#
_entry.id   3C7T
#
_cell.length_a   62.901
_cell.length_b   134.410
_cell.length_c   135.188
_cell.angle_alpha   90.00
_cell.angle_beta   90.00
_cell.angle_gamma   90.00
#
_symmetry.space_group_name_H-M   'P 21 21 21'
#
loop_
_entity.id
_entity.type
_entity.pdbx_description
1 polymer 'Ecdysteroid-phosphate phosphatase'
2 non-polymer TUNGSTATE(VI)ION
3 non-polymer 'CHLORIDE ION'
4 non-polymer 'IODIDE ION'
5 non-polymer 'SODIUM ION'
6 non-polymer 'MAGNESIUM ION'
7 water water
#
_entity_poly.entity_id   1
_entity_poly.type   'polypeptide(L)'
_entity_poly.pdbx_seq_one_letter_code
;SKSRRWVFALRHGERVDLTYGPWVPHCFENDTYVRKDLNLPLKLAHRAGGKGGYVKDTPLTRLGWFQAQLVGEGMRMAGV
SIKHVYASPALRCVETAQGFLDGLRADPSVKIKVEPGLFEFKNWHMPKGIDFMTPIELCKAGLNVDMTYKPYVEMDASAE
TMDEFFKRGEVAMQAAVNDTEKDGGNVIFIGHAITLDQMVGALHRLRDDMEDVQPYEIGRNLLKVPYCALGAMRGKPWDV
VSPPCPPSINSSSGRFDWRILIK
;
_entity_poly.pdbx_strand_id   A,B,C,D
#
# COMPACT_ATOMS: atom_id res chain seq x y z
N ARG A 4 -26.51 -23.54 -19.74
CA ARG A 4 -25.05 -23.34 -19.51
C ARG A 4 -24.66 -23.37 -18.02
N ARG A 5 -23.37 -23.59 -17.78
CA ARG A 5 -22.81 -23.90 -16.48
C ARG A 5 -21.70 -22.88 -16.20
N TRP A 6 -21.39 -22.63 -14.92
CA TRP A 6 -20.24 -21.78 -14.54
C TRP A 6 -19.04 -22.60 -14.06
N VAL A 7 -17.86 -22.18 -14.47
CA VAL A 7 -16.63 -22.67 -13.86
C VAL A 7 -15.82 -21.44 -13.43
N PHE A 8 -15.43 -21.44 -12.16
CA PHE A 8 -14.75 -20.27 -11.57
C PHE A 8 -13.35 -20.64 -11.13
N ALA A 9 -12.48 -19.64 -11.06
CA ALA A 9 -11.14 -19.84 -10.51
C ALA A 9 -10.89 -18.66 -9.59
N LEU A 10 -10.39 -18.96 -8.41
CA LEU A 10 -10.23 -17.94 -7.37
C LEU A 10 -8.83 -18.02 -6.74
N ARG A 11 -8.10 -16.90 -6.73
CA ARG A 11 -6.84 -16.87 -5.95
C ARG A 11 -7.16 -16.83 -4.44
N HIS A 12 -6.26 -17.40 -3.63
CA HIS A 12 -6.42 -17.37 -2.18
C HIS A 12 -6.44 -15.91 -1.69
N GLY A 13 -6.90 -15.71 -0.44
CA GLY A 13 -6.95 -14.38 0.14
C GLY A 13 -5.59 -14.00 0.72
N GLU A 14 -5.58 -12.87 1.44
CA GLU A 14 -4.35 -12.29 2.03
C GLU A 14 -3.60 -13.28 2.91
N ARG A 15 -2.29 -13.40 2.69
CA ARG A 15 -1.45 -14.36 3.42
C ARG A 15 -0.82 -13.76 4.67
N VAL A 16 -0.77 -14.53 5.77
CA VAL A 16 -0.06 -14.05 6.96
C VAL A 16 1.42 -13.76 6.64
N ASP A 17 2.09 -14.69 5.97
CA ASP A 17 3.56 -14.58 5.75
C ASP A 17 3.96 -13.38 4.87
N LEU A 18 3.04 -12.90 4.05
CA LEU A 18 3.33 -11.75 3.19
C LEU A 18 2.93 -10.42 3.82
N THR A 19 2.10 -10.50 4.86
CA THR A 19 1.62 -9.33 5.58
C THR A 19 2.47 -8.96 6.77
N TYR A 20 3.11 -9.97 7.38
CA TYR A 20 3.95 -9.80 8.56
C TYR A 20 5.39 -10.22 8.29
N GLY A 21 6.25 -10.00 9.25
CA GLY A 21 7.63 -10.46 9.19
C GLY A 21 7.78 -11.83 9.86
N PRO A 22 8.69 -11.96 10.84
CA PRO A 22 8.92 -13.27 11.49
C PRO A 22 7.81 -13.63 12.48
N TRP A 23 6.60 -13.87 11.97
CA TRP A 23 5.43 -13.98 12.85
C TRP A 23 5.43 -15.22 13.73
N VAL A 24 6.02 -16.31 13.25
CA VAL A 24 6.05 -17.56 14.04
C VAL A 24 6.92 -17.41 15.31
N PRO A 25 8.21 -17.02 15.17
CA PRO A 25 8.96 -16.83 16.41
C PRO A 25 8.45 -15.69 17.26
N HIS A 26 7.82 -14.69 16.63
CA HIS A 26 7.24 -13.62 17.42
C HIS A 26 6.02 -14.06 18.28
N CYS A 27 5.15 -14.88 17.68
CA CYS A 27 3.86 -15.23 18.31
C CYS A 27 3.92 -16.49 19.16
N PHE A 28 4.86 -17.37 18.89
CA PHE A 28 4.93 -18.62 19.66
C PHE A 28 5.82 -18.38 20.86
N GLU A 29 5.24 -18.61 22.05
CA GLU A 29 5.96 -18.52 23.31
C GLU A 29 5.85 -19.88 23.99
N ASN A 30 6.99 -20.55 24.14
CA ASN A 30 7.06 -21.93 24.63
C ASN A 30 6.11 -22.88 23.90
N ASP A 31 6.21 -22.89 22.56
CA ASP A 31 5.40 -23.74 21.66
C ASP A 31 3.90 -23.44 21.67
N THR A 32 3.49 -22.39 22.38
CA THR A 32 2.11 -21.96 22.41
C THR A 32 1.91 -20.65 21.64
N TYR A 33 1.04 -20.72 20.65
CA TYR A 33 0.68 -19.53 19.83
C TYR A 33 -0.07 -18.50 20.66
N VAL A 34 0.38 -17.25 20.60
CA VAL A 34 -0.34 -16.12 21.21
C VAL A 34 -0.69 -15.17 20.07
N ARG A 35 -1.96 -14.78 19.94
CA ARG A 35 -2.31 -13.79 18.90
C ARG A 35 -1.74 -12.42 19.31
N LYS A 36 -0.87 -11.87 18.48
CA LYS A 36 -0.29 -10.57 18.81
C LYS A 36 -0.74 -9.42 17.90
N ASP A 37 -1.71 -9.70 17.02
CA ASP A 37 -2.23 -8.68 16.10
C ASP A 37 -3.66 -9.06 15.78
N LEU A 38 -4.53 -8.06 15.60
CA LEU A 38 -5.95 -8.37 15.33
C LEU A 38 -6.18 -9.04 14.00
N ASN A 39 -5.27 -8.84 13.05
CA ASN A 39 -5.41 -9.46 11.75
C ASN A 39 -4.73 -10.85 11.69
N LEU A 40 -4.22 -11.34 12.82
CA LEU A 40 -3.71 -12.72 12.88
C LEU A 40 -4.82 -13.73 13.28
N PRO A 41 -4.63 -15.01 12.94
CA PRO A 41 -5.64 -16.01 13.37
C PRO A 41 -5.91 -15.96 14.87
N LEU A 42 -7.15 -16.22 15.27
CA LEU A 42 -7.50 -16.29 16.70
C LEU A 42 -6.74 -17.43 17.42
N LYS A 43 -6.59 -18.55 16.70
CA LYS A 43 -5.87 -19.72 17.21
C LYS A 43 -5.37 -20.46 16.00
N LEU A 44 -4.39 -21.33 16.22
CA LEU A 44 -3.87 -22.18 15.15
C LEU A 44 -4.18 -23.63 15.50
N ALA A 45 -4.82 -24.34 14.57
CA ALA A 45 -5.14 -25.74 14.76
C ALA A 45 -3.87 -26.56 14.84
N HIS A 46 -3.93 -27.66 15.58
CA HIS A 46 -2.82 -28.57 15.63
C HIS A 46 -2.51 -29.12 14.23
N ARG A 47 -1.22 -29.24 13.92
CA ARG A 47 -0.80 -29.94 12.70
C ARG A 47 0.47 -30.70 13.03
N ALA A 48 0.71 -31.78 12.30
CA ALA A 48 1.85 -32.65 12.60
C ALA A 48 3.18 -31.90 12.59
N GLY A 49 3.32 -30.93 11.68
CA GLY A 49 4.56 -30.18 11.54
C GLY A 49 4.68 -29.04 12.54
N GLY A 50 3.67 -28.84 13.38
CA GLY A 50 3.69 -27.79 14.40
C GLY A 50 4.05 -26.43 13.83
N LYS A 51 4.74 -25.60 14.62
CA LYS A 51 5.00 -24.23 14.19
C LYS A 51 5.87 -24.15 12.91
N GLY A 52 6.78 -25.11 12.74
CA GLY A 52 7.58 -25.19 11.52
C GLY A 52 6.70 -25.38 10.29
N GLY A 53 5.63 -26.15 10.46
CA GLY A 53 4.68 -26.37 9.38
C GLY A 53 4.01 -25.07 8.96
N TYR A 54 3.70 -24.22 9.94
CA TYR A 54 3.07 -22.91 9.66
C TYR A 54 4.01 -21.92 9.02
N VAL A 55 5.31 -22.03 9.33
CA VAL A 55 6.32 -21.25 8.58
C VAL A 55 6.25 -21.60 7.08
N LYS A 56 6.23 -22.89 6.78
CA LYS A 56 6.21 -23.39 5.39
C LYS A 56 4.86 -23.25 4.68
N ASP A 57 3.79 -23.15 5.45
CA ASP A 57 2.44 -23.29 4.90
C ASP A 57 1.53 -22.29 5.62
N THR A 58 1.65 -21.03 5.22
CA THR A 58 1.00 -19.88 5.89
C THR A 58 -0.55 -19.97 5.99
N PRO A 59 -1.13 -19.53 7.12
CA PRO A 59 -2.59 -19.32 7.21
C PRO A 59 -2.97 -18.06 6.42
N LEU A 60 -4.26 -17.88 6.16
CA LEU A 60 -4.78 -16.54 5.80
C LEU A 60 -4.81 -15.65 7.02
N THR A 61 -4.72 -14.34 6.79
CA THR A 61 -5.01 -13.32 7.80
C THR A 61 -6.53 -13.31 8.01
N ARG A 62 -6.98 -12.59 9.04
CA ARG A 62 -8.43 -12.33 9.24
C ARG A 62 -9.01 -11.69 7.98
N LEU A 63 -8.29 -10.72 7.41
CA LEU A 63 -8.74 -10.04 6.22
C LEU A 63 -8.85 -11.05 5.07
N GLY A 64 -7.91 -11.99 4.99
CA GLY A 64 -7.94 -12.99 3.91
C GLY A 64 -9.18 -13.85 3.94
N TRP A 65 -9.59 -14.31 5.12
CA TRP A 65 -10.90 -14.95 5.30
C TRP A 65 -12.04 -14.05 4.84
N PHE A 66 -12.00 -12.78 5.25
CA PHE A 66 -13.07 -11.81 4.91
C PHE A 66 -13.17 -11.55 3.40
N GLN A 67 -12.03 -11.42 2.74
CA GLN A 67 -12.00 -11.33 1.26
C GLN A 67 -12.68 -12.51 0.59
N ALA A 68 -12.41 -13.72 1.08
CA ALA A 68 -13.01 -14.94 0.49
C ALA A 68 -14.52 -14.93 0.76
N GLN A 69 -14.90 -14.51 1.96
CA GLN A 69 -16.31 -14.41 2.34
C GLN A 69 -17.07 -13.43 1.46
N LEU A 70 -16.46 -12.30 1.16
CA LEU A 70 -17.08 -11.31 0.28
C LEU A 70 -17.37 -11.85 -1.10
N VAL A 71 -16.45 -12.67 -1.62
CA VAL A 71 -16.70 -13.34 -2.90
C VAL A 71 -17.89 -14.32 -2.81
N GLY A 72 -17.90 -15.18 -1.78
CA GLY A 72 -19.01 -16.16 -1.58
C GLY A 72 -20.35 -15.42 -1.44
N GLU A 73 -20.36 -14.35 -0.65
CA GLU A 73 -21.54 -13.48 -0.43
C GLU A 73 -22.00 -12.90 -1.77
N GLY A 74 -21.04 -12.46 -2.59
CA GLY A 74 -21.34 -11.82 -3.87
C GLY A 74 -21.97 -12.81 -4.82
N MET A 75 -21.50 -14.05 -4.76
CA MET A 75 -22.06 -15.15 -5.55
C MET A 75 -23.50 -15.42 -5.11
N ARG A 76 -23.72 -15.49 -3.79
CA ARG A 76 -25.06 -15.67 -3.21
C ARG A 76 -26.00 -14.55 -3.63
N MET A 77 -25.52 -13.30 -3.59
CA MET A 77 -26.35 -12.18 -4.02
C MET A 77 -26.75 -12.22 -5.47
N ALA A 78 -25.88 -12.80 -6.30
CA ALA A 78 -26.12 -12.90 -7.73
C ALA A 78 -26.98 -14.12 -8.09
N GLY A 79 -27.42 -14.86 -7.07
CA GLY A 79 -28.21 -16.08 -7.26
C GLY A 79 -27.46 -17.26 -7.82
N VAL A 80 -26.13 -17.24 -7.70
CA VAL A 80 -25.34 -18.32 -8.25
C VAL A 80 -24.95 -19.35 -7.19
N SER A 81 -25.27 -20.61 -7.45
CA SER A 81 -24.93 -21.71 -6.53
C SER A 81 -23.60 -22.33 -6.95
N ILE A 82 -22.99 -23.12 -6.07
CA ILE A 82 -21.81 -23.90 -6.38
C ILE A 82 -21.98 -25.29 -5.77
N LYS A 83 -21.62 -26.31 -6.53
CA LYS A 83 -21.77 -27.65 -6.03
C LYS A 83 -20.43 -28.33 -5.84
N HIS A 84 -19.48 -27.97 -6.71
CA HIS A 84 -18.22 -28.71 -6.81
C HIS A 84 -17.06 -27.76 -6.53
N VAL A 85 -16.39 -27.99 -5.40
CA VAL A 85 -15.37 -27.07 -4.89
C VAL A 85 -14.05 -27.84 -4.76
N TYR A 86 -13.06 -27.37 -5.51
CA TYR A 86 -11.71 -27.97 -5.52
C TYR A 86 -10.71 -26.93 -5.03
N ALA A 87 -9.80 -27.34 -4.15
CA ALA A 87 -8.81 -26.43 -3.58
C ALA A 87 -7.42 -27.03 -3.65
N SER A 88 -6.43 -26.19 -3.97
CA SER A 88 -5.04 -26.56 -3.84
C SER A 88 -4.81 -27.00 -2.39
N PRO A 89 -3.86 -27.92 -2.14
CA PRO A 89 -3.69 -28.39 -0.77
C PRO A 89 -2.98 -27.39 0.18
N ALA A 90 -2.50 -26.25 -0.35
CA ALA A 90 -1.94 -25.17 0.48
C ALA A 90 -2.99 -24.70 1.46
N LEU A 91 -2.57 -24.48 2.73
CA LEU A 91 -3.53 -24.09 3.76
C LEU A 91 -4.29 -22.83 3.40
N ARG A 92 -3.60 -21.87 2.79
CA ARG A 92 -4.27 -20.61 2.38
C ARG A 92 -5.42 -20.83 1.39
N CYS A 93 -5.27 -21.84 0.55
CA CYS A 93 -6.29 -22.16 -0.46
C CYS A 93 -7.49 -22.87 0.16
N VAL A 94 -7.22 -23.85 1.02
CA VAL A 94 -8.30 -24.53 1.75
C VAL A 94 -9.07 -23.55 2.64
N GLU A 95 -8.36 -22.64 3.31
CA GLU A 95 -9.06 -21.63 4.10
C GLU A 95 -9.85 -20.67 3.23
N THR A 96 -9.33 -20.33 2.05
CA THR A 96 -10.10 -19.46 1.15
C THR A 96 -11.39 -20.18 0.75
N ALA A 97 -11.27 -21.48 0.51
CA ALA A 97 -12.44 -22.28 0.11
C ALA A 97 -13.50 -22.26 1.20
N GLN A 98 -13.07 -22.41 2.46
CA GLN A 98 -14.03 -22.35 3.55
C GLN A 98 -14.66 -20.96 3.71
N GLY A 99 -13.85 -19.89 3.66
CA GLY A 99 -14.41 -18.53 3.71
C GLY A 99 -15.41 -18.31 2.58
N PHE A 100 -15.07 -18.78 1.39
CA PHE A 100 -15.96 -18.65 0.24
C PHE A 100 -17.31 -19.33 0.54
N LEU A 101 -17.24 -20.57 1.01
CA LEU A 101 -18.44 -21.34 1.35
C LEU A 101 -19.24 -20.72 2.48
N ASP A 102 -18.55 -20.09 3.42
CA ASP A 102 -19.22 -19.39 4.52
C ASP A 102 -20.02 -18.19 3.98
N GLY A 103 -19.42 -17.42 3.07
CA GLY A 103 -20.08 -16.25 2.48
C GLY A 103 -21.28 -16.68 1.64
N LEU A 104 -21.07 -17.77 0.90
CA LEU A 104 -22.10 -18.39 0.05
C LEU A 104 -23.28 -18.98 0.84
N ARG A 105 -23.07 -19.26 2.12
CA ARG A 105 -24.01 -20.05 2.92
C ARG A 105 -24.34 -21.36 2.22
N ALA A 106 -23.32 -22.00 1.68
CA ALA A 106 -23.46 -23.28 1.01
C ALA A 106 -23.98 -24.31 2.02
N ASP A 107 -24.68 -25.33 1.52
CA ASP A 107 -25.14 -26.45 2.32
C ASP A 107 -23.90 -27.17 2.86
N PRO A 108 -23.94 -27.65 4.12
CA PRO A 108 -22.87 -28.47 4.68
C PRO A 108 -22.47 -29.68 3.82
N SER A 109 -23.34 -30.10 2.92
CA SER A 109 -23.03 -31.21 2.02
C SER A 109 -22.03 -30.80 0.92
N VAL A 110 -21.83 -29.50 0.76
CA VAL A 110 -20.87 -28.98 -0.24
C VAL A 110 -19.49 -28.94 0.40
N LYS A 111 -18.66 -29.92 0.02
CA LYS A 111 -17.41 -30.19 0.69
C LYS A 111 -16.23 -29.68 -0.12
N ILE A 112 -15.16 -29.34 0.56
CA ILE A 112 -13.93 -28.92 -0.11
C ILE A 112 -13.10 -30.15 -0.50
N LYS A 113 -12.88 -30.30 -1.80
CA LYS A 113 -12.10 -31.40 -2.35
C LYS A 113 -10.67 -30.94 -2.55
N VAL A 114 -9.76 -31.46 -1.74
CA VAL A 114 -8.36 -31.03 -1.74
C VAL A 114 -7.66 -31.78 -2.87
N GLU A 115 -7.21 -31.01 -3.85
CA GLU A 115 -6.69 -31.54 -5.11
C GLU A 115 -5.24 -31.07 -5.31
N PRO A 116 -4.27 -31.95 -5.08
CA PRO A 116 -2.86 -31.57 -5.32
C PRO A 116 -2.57 -31.17 -6.78
N GLY A 117 -3.44 -31.56 -7.71
CA GLY A 117 -3.30 -31.13 -9.09
C GLY A 117 -3.28 -29.61 -9.20
N LEU A 118 -3.94 -28.95 -8.25
CA LEU A 118 -4.05 -27.49 -8.24
C LEU A 118 -2.88 -26.77 -7.57
N PHE A 119 -1.94 -27.51 -6.99
CA PHE A 119 -0.82 -26.84 -6.30
C PHE A 119 0.05 -26.02 -7.26
N GLU A 120 0.64 -24.93 -6.74
CA GLU A 120 1.47 -24.03 -7.51
C GLU A 120 2.68 -24.74 -8.10
N PHE A 121 3.37 -24.08 -9.02
CA PHE A 121 4.57 -24.59 -9.67
C PHE A 121 5.67 -24.81 -8.64
N LYS A 122 6.21 -26.03 -8.63
CA LYS A 122 7.39 -26.37 -7.85
C LYS A 122 8.67 -26.12 -8.66
N ASN A 123 9.16 -24.88 -8.59
CA ASN A 123 10.29 -24.34 -9.37
C ASN A 123 11.65 -24.64 -8.72
N TRP A 124 12.57 -25.25 -9.48
CA TRP A 124 13.88 -25.62 -8.91
C TRP A 124 14.70 -24.40 -8.42
N HIS A 125 14.50 -23.23 -9.03
CA HIS A 125 15.14 -21.97 -8.57
C HIS A 125 14.60 -21.50 -7.23
N MET A 126 13.36 -21.87 -6.94
CA MET A 126 12.69 -21.43 -5.73
C MET A 126 12.34 -22.63 -4.85
N PRO A 127 13.36 -23.26 -4.22
CA PRO A 127 13.00 -24.40 -3.37
C PRO A 127 12.24 -23.86 -2.18
N LYS A 128 11.25 -24.62 -1.75
CA LYS A 128 10.42 -24.25 -0.62
C LYS A 128 10.24 -25.47 0.27
N GLY A 129 10.06 -25.25 1.56
CA GLY A 129 9.60 -26.30 2.43
C GLY A 129 8.20 -26.65 1.96
N ILE A 130 7.89 -27.94 1.84
CA ILE A 130 6.53 -28.38 1.54
C ILE A 130 5.95 -29.16 2.73
N ASP A 131 4.82 -28.67 3.25
CA ASP A 131 4.22 -29.26 4.44
C ASP A 131 2.73 -28.98 4.34
N PHE A 132 1.95 -30.03 4.05
CA PHE A 132 0.50 -29.89 3.92
C PHE A 132 -0.23 -30.48 5.12
N MET A 133 -1.32 -29.83 5.53
CA MET A 133 -2.17 -30.43 6.56
C MET A 133 -3.02 -31.52 5.93
N THR A 134 -3.22 -32.61 6.65
CA THR A 134 -4.00 -33.72 6.14
C THR A 134 -5.47 -33.33 6.14
N PRO A 135 -6.29 -33.92 5.24
CA PRO A 135 -7.76 -33.80 5.35
C PRO A 135 -8.29 -33.99 6.77
N ILE A 136 -7.81 -34.99 7.52
CA ILE A 136 -8.23 -35.10 8.92
C ILE A 136 -7.83 -33.90 9.81
N GLU A 137 -6.60 -33.40 9.68
CA GLU A 137 -6.18 -32.20 10.43
C GLU A 137 -6.98 -30.95 10.04
N LEU A 138 -7.34 -30.86 8.76
CA LEU A 138 -8.14 -29.76 8.22
C LEU A 138 -9.57 -29.81 8.78
N CYS A 139 -10.18 -30.99 8.78
CA CYS A 139 -11.50 -31.16 9.38
C CYS A 139 -11.51 -30.82 10.88
N LYS A 140 -10.48 -31.25 11.61
CA LYS A 140 -10.34 -30.89 13.03
C LYS A 140 -10.20 -29.39 13.23
N ALA A 141 -9.57 -28.72 12.26
CA ALA A 141 -9.43 -27.26 12.25
C ALA A 141 -10.77 -26.56 11.97
N GLY A 142 -11.79 -27.33 11.59
CA GLY A 142 -13.12 -26.78 11.30
C GLY A 142 -13.37 -26.43 9.85
N LEU A 143 -12.56 -26.98 8.95
CA LEU A 143 -12.72 -26.79 7.51
C LEU A 143 -13.56 -27.92 6.93
N ASN A 144 -14.57 -27.57 6.13
CA ASN A 144 -15.49 -28.58 5.59
C ASN A 144 -14.92 -29.40 4.43
N VAL A 145 -13.88 -30.16 4.72
CA VAL A 145 -13.13 -30.88 3.70
C VAL A 145 -13.78 -32.25 3.43
N ASP A 146 -13.80 -32.65 2.16
CA ASP A 146 -14.34 -33.96 1.75
C ASP A 146 -13.36 -35.09 2.14
N MET A 147 -13.74 -35.91 3.11
CA MET A 147 -12.91 -37.02 3.62
C MET A 147 -12.77 -38.20 2.64
N THR A 148 -13.78 -38.37 1.78
CA THR A 148 -13.78 -39.49 0.85
C THR A 148 -13.39 -39.06 -0.56
N TYR A 149 -12.74 -37.90 -0.68
CA TYR A 149 -12.31 -37.47 -1.98
C TYR A 149 -11.00 -38.16 -2.40
N LYS A 150 -10.98 -38.74 -3.59
CA LYS A 150 -9.76 -39.35 -4.14
C LYS A 150 -9.21 -38.45 -5.25
N PRO A 151 -8.05 -37.79 -5.01
CA PRO A 151 -7.50 -36.77 -5.92
C PRO A 151 -7.13 -37.30 -7.30
N TYR A 152 -7.28 -36.44 -8.30
CA TYR A 152 -6.86 -36.77 -9.67
C TYR A 152 -5.36 -36.89 -9.83
N VAL A 153 -4.64 -36.10 -9.05
CA VAL A 153 -3.18 -36.03 -9.12
C VAL A 153 -2.59 -36.33 -7.77
N GLU A 154 -1.67 -37.28 -7.77
CA GLU A 154 -0.80 -37.59 -6.66
C GLU A 154 0.44 -36.76 -6.92
N MET A 155 0.93 -36.05 -5.92
CA MET A 155 2.07 -35.19 -6.14
C MET A 155 3.15 -35.31 -5.05
N ASP A 156 4.41 -35.29 -5.46
CA ASP A 156 5.50 -35.44 -4.52
C ASP A 156 6.17 -34.11 -4.14
N ALA A 157 7.24 -34.20 -3.34
CA ALA A 157 7.93 -33.04 -2.77
C ALA A 157 9.02 -32.48 -3.68
N SER A 158 9.14 -33.03 -4.89
CA SER A 158 10.25 -32.72 -5.78
C SER A 158 9.92 -31.62 -6.76
N ALA A 159 10.93 -30.83 -7.13
CA ALA A 159 10.81 -29.84 -8.20
C ALA A 159 10.36 -30.55 -9.46
N GLU A 160 9.80 -29.78 -10.39
CA GLU A 160 9.23 -30.32 -11.61
C GLU A 160 9.53 -29.30 -12.70
N THR A 161 9.44 -29.72 -13.95
CA THR A 161 9.58 -28.81 -15.07
C THR A 161 8.26 -28.05 -15.26
N MET A 162 8.33 -26.93 -15.96
CA MET A 162 7.15 -26.13 -16.28
C MET A 162 6.09 -26.94 -17.03
N ASP A 163 6.53 -27.78 -17.96
CA ASP A 163 5.61 -28.65 -18.69
C ASP A 163 4.83 -29.60 -17.79
N GLU A 164 5.54 -30.23 -16.85
CA GLU A 164 4.94 -31.15 -15.89
C GLU A 164 3.94 -30.43 -14.99
N PHE A 165 4.27 -29.20 -14.62
CA PHE A 165 3.38 -28.39 -13.80
C PHE A 165 2.06 -28.13 -14.52
N PHE A 166 2.14 -27.63 -15.76
CA PHE A 166 0.92 -27.34 -16.49
C PHE A 166 0.08 -28.60 -16.81
N LYS A 167 0.76 -29.71 -17.01
CA LYS A 167 0.08 -30.97 -17.28
C LYS A 167 -0.75 -31.42 -16.06
N ARG A 168 -0.14 -31.35 -14.88
CA ARG A 168 -0.78 -31.57 -13.58
C ARG A 168 -2.10 -30.81 -13.50
N GLY A 169 -2.01 -29.49 -13.67
CA GLY A 169 -3.17 -28.61 -13.51
C GLY A 169 -4.29 -28.93 -14.49
N GLU A 170 -3.90 -29.15 -15.74
CA GLU A 170 -4.83 -29.45 -16.81
C GLU A 170 -5.52 -30.79 -16.59
N VAL A 171 -4.77 -31.82 -16.18
CA VAL A 171 -5.35 -33.14 -15.87
C VAL A 171 -6.44 -32.98 -14.80
N ALA A 172 -6.12 -32.28 -13.72
CA ALA A 172 -7.07 -32.13 -12.61
C ALA A 172 -8.28 -31.31 -13.02
N MET A 173 -8.07 -30.20 -13.71
CA MET A 173 -9.15 -29.30 -14.08
C MET A 173 -10.07 -29.87 -15.15
N GLN A 174 -9.49 -30.55 -16.14
CA GLN A 174 -10.32 -31.22 -17.15
C GLN A 174 -11.08 -32.40 -16.56
N ALA A 175 -10.41 -33.19 -15.74
CA ALA A 175 -11.09 -34.29 -15.05
C ALA A 175 -12.29 -33.77 -14.25
N ALA A 176 -12.10 -32.71 -13.47
CA ALA A 176 -13.18 -32.13 -12.67
C ALA A 176 -14.34 -31.67 -13.52
N VAL A 177 -14.05 -31.04 -14.65
CA VAL A 177 -15.08 -30.51 -15.54
C VAL A 177 -15.81 -31.64 -16.30
N ASN A 178 -15.03 -32.63 -16.76
CA ASN A 178 -15.62 -33.83 -17.38
C ASN A 178 -16.49 -34.66 -16.44
N ASP A 179 -16.00 -34.89 -15.21
CA ASP A 179 -16.70 -35.71 -14.23
C ASP A 179 -17.97 -35.12 -13.59
N THR A 180 -18.20 -33.81 -13.76
CA THR A 180 -19.39 -33.16 -13.21
C THR A 180 -20.39 -32.73 -14.29
N GLU A 181 -20.06 -33.02 -15.55
CA GLU A 181 -20.89 -32.61 -16.68
C GLU A 181 -22.32 -33.18 -16.58
N LYS A 182 -22.42 -34.47 -16.28
CA LYS A 182 -23.72 -35.15 -16.12
C LYS A 182 -24.57 -34.48 -15.04
N ASP A 183 -23.98 -34.29 -13.87
CA ASP A 183 -24.57 -33.56 -12.75
C ASP A 183 -24.93 -32.12 -13.16
N GLY A 184 -24.01 -31.46 -13.85
CA GLY A 184 -24.23 -30.11 -14.39
C GLY A 184 -24.17 -28.99 -13.36
N GLY A 185 -23.64 -29.29 -12.19
CA GLY A 185 -23.46 -28.26 -11.16
C GLY A 185 -22.28 -27.35 -11.46
N ASN A 186 -22.31 -26.15 -10.86
CA ASN A 186 -21.24 -25.14 -11.00
C ASN A 186 -19.99 -25.56 -10.26
N VAL A 187 -18.83 -25.16 -10.77
CA VAL A 187 -17.53 -25.61 -10.27
C VAL A 187 -16.68 -24.39 -9.90
N ILE A 188 -15.89 -24.53 -8.83
CA ILE A 188 -14.86 -23.53 -8.47
C ILE A 188 -13.53 -24.19 -8.10
N PHE A 189 -12.47 -23.65 -8.68
CA PHE A 189 -11.09 -24.07 -8.40
C PHE A 189 -10.46 -22.95 -7.57
N ILE A 190 -10.06 -23.27 -6.35
CA ILE A 190 -9.54 -22.25 -5.42
C ILE A 190 -8.07 -22.54 -5.19
N GLY A 191 -7.24 -21.60 -5.63
CA GLY A 191 -5.81 -21.87 -5.74
C GLY A 191 -4.93 -20.64 -5.66
N HIS A 192 -4.10 -20.50 -6.67
CA HIS A 192 -2.97 -19.58 -6.67
C HIS A 192 -3.22 -18.56 -7.79
N ALA A 193 -2.33 -17.57 -7.96
CA ALA A 193 -2.52 -16.54 -8.98
C ALA A 193 -2.61 -17.16 -10.38
N ILE A 194 -1.80 -18.19 -10.61
CA ILE A 194 -1.70 -18.89 -11.90
C ILE A 194 -2.95 -19.74 -12.23
N THR A 195 -3.74 -20.08 -11.20
CA THR A 195 -4.92 -20.93 -11.34
C THR A 195 -5.93 -20.39 -12.34
N LEU A 196 -6.07 -19.06 -12.37
CA LEU A 196 -7.00 -18.41 -13.28
C LEU A 196 -6.62 -18.66 -14.73
N ASP A 197 -5.35 -18.40 -15.08
CA ASP A 197 -4.83 -18.76 -16.43
C ASP A 197 -4.84 -20.27 -16.72
N GLN A 198 -4.60 -21.09 -15.70
CA GLN A 198 -4.70 -22.56 -15.86
C GLN A 198 -6.12 -23.01 -16.25
N MET A 199 -7.10 -22.40 -15.61
CA MET A 199 -8.50 -22.75 -15.89
C MET A 199 -8.89 -22.39 -17.30
N VAL A 200 -8.53 -21.19 -17.73
CA VAL A 200 -8.81 -20.73 -19.09
C VAL A 200 -8.14 -21.67 -20.10
N GLY A 201 -6.85 -21.93 -19.92
CA GLY A 201 -6.13 -22.87 -20.79
C GLY A 201 -6.69 -24.28 -20.83
N ALA A 202 -7.14 -24.79 -19.68
CA ALA A 202 -7.66 -26.17 -19.59
C ALA A 202 -9.02 -26.30 -20.26
N LEU A 203 -9.85 -25.27 -20.12
CA LEU A 203 -11.21 -25.30 -20.67
C LEU A 203 -11.27 -24.97 -22.15
N HIS A 204 -10.41 -24.06 -22.61
CA HIS A 204 -10.24 -23.84 -24.04
C HIS A 204 -9.72 -25.10 -24.76
N ARG A 205 -8.87 -25.86 -24.09
CA ARG A 205 -8.38 -27.14 -24.63
C ARG A 205 -9.45 -28.23 -24.67
N LEU A 206 -10.56 -28.03 -23.95
CA LEU A 206 -11.70 -28.96 -24.02
C LEU A 206 -12.61 -28.65 -25.22
N ARG A 207 -12.40 -27.50 -25.84
CA ARG A 207 -13.10 -27.15 -27.06
C ARG A 207 -12.40 -27.76 -28.28
N ASP A 208 -13.18 -27.96 -29.34
CA ASP A 208 -12.65 -28.44 -30.59
C ASP A 208 -12.68 -27.33 -31.62
N ASP A 209 -13.42 -26.27 -31.31
CA ASP A 209 -13.60 -25.12 -32.19
C ASP A 209 -12.28 -24.48 -32.59
N MET A 210 -11.43 -24.23 -31.61
CA MET A 210 -10.18 -23.52 -31.87
C MET A 210 -8.98 -24.20 -31.25
N GLU A 211 -8.35 -25.05 -32.06
CA GLU A 211 -7.04 -25.60 -31.77
C GLU A 211 -6.00 -24.50 -32.01
N ASP A 212 -4.74 -24.79 -31.75
CA ASP A 212 -3.64 -23.82 -31.88
C ASP A 212 -3.80 -22.59 -30.96
N VAL A 213 -4.38 -22.80 -29.78
CA VAL A 213 -4.43 -21.76 -28.76
C VAL A 213 -3.04 -21.48 -28.21
N GLN A 214 -2.98 -20.49 -27.33
CA GLN A 214 -1.74 -20.07 -26.68
C GLN A 214 -1.09 -21.15 -25.83
N PRO A 215 0.21 -21.44 -26.09
CA PRO A 215 0.97 -22.33 -25.21
C PRO A 215 0.96 -21.76 -23.80
N TYR A 216 0.97 -22.65 -22.80
CA TYR A 216 1.03 -22.26 -21.40
C TYR A 216 2.35 -21.51 -21.09
N GLU A 217 2.24 -20.45 -20.29
CA GLU A 217 3.37 -19.56 -20.00
C GLU A 217 3.34 -19.15 -18.54
N ILE A 218 4.43 -19.38 -17.81
CA ILE A 218 4.64 -18.70 -16.54
C ILE A 218 5.22 -17.34 -16.94
N GLY A 219 4.60 -16.27 -16.46
CA GLY A 219 5.17 -14.95 -16.75
C GLY A 219 4.53 -14.28 -17.95
N ARG A 220 3.36 -14.80 -18.37
CA ARG A 220 2.55 -14.10 -19.35
C ARG A 220 2.34 -12.65 -18.90
N ASN A 221 2.08 -12.44 -17.61
CA ASN A 221 1.88 -11.08 -17.06
C ASN A 221 2.91 -10.74 -16.01
N LEU A 222 3.17 -9.44 -15.82
CA LEU A 222 4.24 -9.04 -14.93
C LEU A 222 3.86 -9.14 -13.45
N LEU A 223 2.57 -8.90 -13.17
CA LEU A 223 2.05 -8.88 -11.82
C LEU A 223 1.08 -10.02 -11.59
N LYS A 224 1.03 -10.53 -10.36
CA LYS A 224 0.04 -11.53 -9.98
C LYS A 224 -1.32 -10.88 -9.88
N VAL A 225 -2.36 -11.64 -10.24
CA VAL A 225 -3.73 -11.18 -10.01
C VAL A 225 -3.91 -10.91 -8.49
N PRO A 226 -4.80 -9.98 -8.13
CA PRO A 226 -5.01 -9.62 -6.72
C PRO A 226 -5.51 -10.77 -5.83
N TYR A 227 -5.39 -10.61 -4.52
CA TYR A 227 -5.95 -11.62 -3.61
C TYR A 227 -7.43 -11.80 -3.89
N CYS A 228 -7.88 -13.06 -3.89
CA CYS A 228 -9.27 -13.42 -4.22
C CYS A 228 -9.76 -12.84 -5.58
N ALA A 229 -8.83 -12.61 -6.52
CA ALA A 229 -9.21 -12.35 -7.91
C ALA A 229 -10.05 -13.54 -8.42
N LEU A 230 -11.16 -13.22 -9.07
CA LEU A 230 -12.11 -14.21 -9.52
C LEU A 230 -12.18 -14.20 -11.04
N GLY A 231 -11.97 -15.38 -11.61
CA GLY A 231 -12.10 -15.57 -13.04
C GLY A 231 -13.30 -16.45 -13.31
N ALA A 232 -13.94 -16.23 -14.46
CA ALA A 232 -15.15 -16.96 -14.85
C ALA A 232 -15.17 -17.45 -16.30
N MET A 233 -15.66 -18.69 -16.45
CA MET A 233 -16.00 -19.26 -17.75
C MET A 233 -17.41 -19.84 -17.69
N ARG A 234 -18.08 -19.81 -18.84
CA ARG A 234 -19.37 -20.47 -19.00
C ARG A 234 -19.35 -21.30 -20.26
N GLY A 235 -20.09 -22.40 -20.23
CA GLY A 235 -20.19 -23.32 -21.36
C GLY A 235 -21.01 -24.53 -20.98
N LYS A 236 -20.93 -25.59 -21.80
CA LYS A 236 -20.21 -25.59 -23.06
C LYS A 236 -20.92 -24.75 -24.13
N PRO A 237 -20.19 -24.25 -25.14
CA PRO A 237 -18.73 -24.33 -25.25
C PRO A 237 -18.13 -23.25 -24.35
N TRP A 238 -16.93 -23.50 -23.86
CA TRP A 238 -16.36 -22.65 -22.81
C TRP A 238 -15.91 -21.26 -23.28
N ASP A 239 -16.60 -20.22 -22.78
CA ASP A 239 -16.28 -18.80 -23.05
C ASP A 239 -15.82 -18.06 -21.78
N VAL A 240 -14.73 -17.30 -21.87
CA VAL A 240 -14.30 -16.36 -20.82
C VAL A 240 -15.28 -15.19 -20.73
N VAL A 241 -15.92 -15.06 -19.56
CA VAL A 241 -16.97 -14.06 -19.36
C VAL A 241 -16.77 -13.31 -18.05
N SER A 242 -17.51 -12.21 -17.92
CA SER A 242 -17.55 -11.47 -16.66
C SER A 242 -18.10 -12.38 -15.55
N PRO A 243 -17.43 -12.43 -14.38
CA PRO A 243 -18.08 -13.13 -13.26
C PRO A 243 -19.38 -12.45 -12.79
N PRO A 244 -20.27 -13.21 -12.12
CA PRO A 244 -21.58 -12.67 -11.72
C PRO A 244 -21.56 -11.66 -10.57
N CYS A 245 -20.40 -11.50 -9.94
CA CYS A 245 -20.23 -10.53 -8.86
C CYS A 245 -19.02 -9.63 -9.12
N PRO A 246 -19.00 -8.41 -8.54
CA PRO A 246 -17.93 -7.43 -8.85
C PRO A 246 -16.53 -7.85 -8.37
N PRO A 247 -15.49 -7.16 -8.85
CA PRO A 247 -14.14 -7.32 -8.28
C PRO A 247 -14.06 -6.56 -6.96
N SER A 248 -12.87 -6.49 -6.37
CA SER A 248 -12.70 -5.85 -5.06
C SER A 248 -11.38 -5.08 -4.98
N ILE A 249 -11.33 -4.03 -4.16
CA ILE A 249 -10.08 -3.36 -3.84
C ILE A 249 -10.10 -2.93 -2.39
N ASN A 250 -8.99 -3.09 -1.69
CA ASN A 250 -8.83 -2.48 -0.37
C ASN A 250 -7.45 -1.86 -0.21
N SER A 251 -7.34 -0.89 0.69
CA SER A 251 -6.06 -0.26 0.95
C SER A 251 -5.38 -0.92 2.15
N SER A 252 -4.16 -0.49 2.44
CA SER A 252 -3.40 -1.03 3.56
C SER A 252 -3.72 -0.25 4.85
N SER A 253 -3.28 -0.77 5.99
CA SER A 253 -3.38 -0.06 7.23
C SER A 253 -2.28 -0.61 8.13
N GLY A 254 -1.44 0.29 8.62
CA GLY A 254 -0.31 -0.07 9.44
C GLY A 254 -0.66 -0.32 10.88
N ARG A 255 0.36 -0.70 11.64
CA ARG A 255 0.18 -1.15 13.01
C ARG A 255 0.44 0.03 13.98
N PHE A 256 -0.53 0.33 14.84
CA PHE A 256 -0.43 1.44 15.77
C PHE A 256 0.43 1.06 16.98
N ASP A 257 1.24 1.99 17.48
CA ASP A 257 2.03 1.77 18.71
C ASP A 257 1.57 2.78 19.77
N TRP A 258 0.79 2.31 20.74
CA TRP A 258 0.14 3.22 21.70
C TRP A 258 1.12 4.10 22.47
N ARG A 259 2.37 3.65 22.54
CA ARG A 259 3.41 4.37 23.31
C ARG A 259 3.73 5.76 22.74
N ILE A 260 3.35 6.02 21.49
CA ILE A 260 3.52 7.37 20.95
C ILE A 260 2.57 8.39 21.64
N LEU A 261 1.56 7.86 22.33
CA LEU A 261 0.63 8.72 23.07
C LEU A 261 1.24 9.32 24.32
N ILE A 262 2.31 8.70 24.82
CA ILE A 262 2.95 9.23 26.04
C ILE A 262 4.12 10.16 25.71
N ARG B 4 -10.31 1.13 39.12
CA ARG B 4 -10.18 2.00 37.91
C ARG B 4 -11.07 1.53 36.75
N ARG B 5 -11.41 2.45 35.87
CA ARG B 5 -12.16 2.11 34.67
C ARG B 5 -11.38 2.55 33.44
N TRP B 6 -11.87 2.13 32.26
CA TRP B 6 -11.23 2.42 30.99
C TRP B 6 -11.92 3.57 30.25
N VAL B 7 -11.11 4.40 29.62
CA VAL B 7 -11.58 5.35 28.61
C VAL B 7 -10.76 5.11 27.34
N PHE B 8 -11.46 4.93 26.22
CA PHE B 8 -10.84 4.57 24.95
C PHE B 8 -11.06 5.65 23.89
N ALA B 9 -10.11 5.74 22.96
CA ALA B 9 -10.28 6.58 21.77
C ALA B 9 -9.93 5.72 20.56
N LEU B 10 -10.78 5.78 19.55
CA LEU B 10 -10.68 4.92 18.38
C LEU B 10 -10.83 5.76 17.12
N ARG B 11 -9.87 5.64 16.18
CA ARG B 11 -10.01 6.33 14.89
C ARG B 11 -10.98 5.50 14.04
N HIS B 12 -11.77 6.17 13.20
CA HIS B 12 -12.61 5.46 12.22
C HIS B 12 -11.80 4.47 11.37
N GLY B 13 -12.52 3.51 10.76
CA GLY B 13 -11.94 2.57 9.81
C GLY B 13 -11.74 3.13 8.43
N GLU B 14 -11.35 2.24 7.51
CA GLU B 14 -11.03 2.60 6.14
C GLU B 14 -12.20 3.33 5.46
N ARG B 15 -11.88 4.44 4.80
CA ARG B 15 -12.88 5.29 4.16
C ARG B 15 -13.07 4.97 2.68
N VAL B 16 -14.32 4.96 2.22
CA VAL B 16 -14.60 4.77 0.79
C VAL B 16 -13.87 5.83 -0.04
N ASP B 17 -13.95 7.11 0.37
CA ASP B 17 -13.43 8.21 -0.47
C ASP B 17 -11.90 8.11 -0.68
N LEU B 18 -11.20 7.52 0.29
CA LEU B 18 -9.71 7.40 0.21
C LEU B 18 -9.25 6.12 -0.46
N THR B 19 -10.17 5.19 -0.61
CA THR B 19 -9.91 3.88 -1.20
C THR B 19 -10.25 3.83 -2.70
N TYR B 20 -11.21 4.66 -3.12
CA TYR B 20 -11.70 4.70 -4.50
C TYR B 20 -11.54 6.08 -5.13
N GLY B 21 -11.79 6.18 -6.42
CA GLY B 21 -11.82 7.48 -7.13
C GLY B 21 -13.20 8.10 -7.07
N PRO B 22 -13.77 8.51 -8.24
CA PRO B 22 -15.09 9.17 -8.33
C PRO B 22 -16.21 8.16 -8.15
N TRP B 23 -16.32 7.61 -6.94
CA TRP B 23 -17.18 6.43 -6.74
C TRP B 23 -18.68 6.78 -6.82
N VAL B 24 -19.07 7.96 -6.39
CA VAL B 24 -20.49 8.31 -6.39
C VAL B 24 -21.00 8.37 -7.83
N PRO B 25 -20.39 9.21 -8.69
CA PRO B 25 -20.89 9.17 -10.07
C PRO B 25 -20.71 7.83 -10.77
N HIS B 26 -19.73 7.04 -10.37
CA HIS B 26 -19.56 5.74 -11.00
C HIS B 26 -20.69 4.77 -10.62
N CYS B 27 -21.05 4.78 -9.33
CA CYS B 27 -21.99 3.79 -8.75
C CYS B 27 -23.46 4.19 -8.85
N PHE B 28 -23.75 5.48 -8.86
CA PHE B 28 -25.16 5.91 -8.97
C PHE B 28 -25.55 6.03 -10.42
N GLU B 29 -26.57 5.25 -10.79
CA GLU B 29 -27.32 5.42 -12.03
C GLU B 29 -28.59 6.17 -11.66
N ASN B 30 -28.61 7.45 -11.99
CA ASN B 30 -29.66 8.38 -11.54
C ASN B 30 -29.60 8.48 -10.01
N ASP B 31 -30.64 8.06 -9.31
CA ASP B 31 -30.55 8.06 -7.87
C ASP B 31 -30.44 6.67 -7.30
N THR B 32 -30.19 5.70 -8.17
CA THR B 32 -30.09 4.33 -7.66
C THR B 32 -28.63 3.91 -7.59
N TYR B 33 -28.23 3.61 -6.38
CA TYR B 33 -26.89 3.12 -6.12
C TYR B 33 -26.75 1.68 -6.58
N VAL B 34 -25.64 1.40 -7.25
CA VAL B 34 -25.32 0.04 -7.65
C VAL B 34 -23.96 -0.25 -7.06
N ARG B 35 -23.83 -1.34 -6.33
CA ARG B 35 -22.53 -1.73 -5.79
C ARG B 35 -21.65 -2.23 -6.93
N LYS B 36 -20.53 -1.56 -7.17
CA LYS B 36 -19.66 -1.92 -8.28
C LYS B 36 -18.33 -2.56 -7.82
N ASP B 37 -18.19 -2.80 -6.53
CA ASP B 37 -16.98 -3.42 -5.97
C ASP B 37 -17.35 -4.07 -4.65
N LEU B 38 -16.69 -5.19 -4.31
CA LEU B 38 -17.09 -5.96 -3.14
C LEU B 38 -16.76 -5.21 -1.87
N ASN B 39 -15.82 -4.27 -1.94
CA ASN B 39 -15.44 -3.50 -0.75
C ASN B 39 -16.28 -2.22 -0.56
N LEU B 40 -17.24 -2.00 -1.44
CA LEU B 40 -18.18 -0.90 -1.26
C LEU B 40 -19.38 -1.35 -0.44
N PRO B 41 -20.12 -0.38 0.16
CA PRO B 41 -21.35 -0.70 0.87
C PRO B 41 -22.36 -1.49 0.02
N LEU B 42 -23.10 -2.39 0.66
CA LEU B 42 -24.13 -3.16 -0.06
C LEU B 42 -25.25 -2.23 -0.55
N LYS B 43 -25.58 -1.26 0.28
CA LYS B 43 -26.60 -0.27 -0.06
C LYS B 43 -26.28 1.02 0.68
N LEU B 44 -26.95 2.11 0.32
CA LEU B 44 -26.77 3.40 0.97
C LEU B 44 -28.12 3.98 1.36
N ALA B 45 -28.20 4.42 2.61
CA ALA B 45 -29.43 4.95 3.18
C ALA B 45 -29.74 6.29 2.55
N HIS B 46 -31.02 6.66 2.52
CA HIS B 46 -31.39 8.00 2.07
C HIS B 46 -30.81 9.05 3.00
N ARG B 47 -30.39 10.18 2.44
CA ARG B 47 -30.00 11.30 3.30
C ARG B 47 -30.44 12.59 2.62
N ALA B 48 -30.70 13.61 3.43
CA ALA B 48 -31.24 14.90 2.92
C ALA B 48 -30.35 15.48 1.84
N GLY B 49 -29.03 15.25 1.92
CA GLY B 49 -28.09 15.83 0.96
C GLY B 49 -27.92 15.01 -0.28
N GLY B 50 -28.65 13.90 -0.37
CA GLY B 50 -28.62 13.03 -1.55
C GLY B 50 -27.25 12.37 -1.73
N LYS B 51 -27.00 11.86 -2.93
CA LYS B 51 -25.68 11.24 -3.19
C LYS B 51 -24.53 12.23 -3.02
N GLY B 52 -24.76 13.53 -3.29
CA GLY B 52 -23.77 14.59 -2.96
C GLY B 52 -23.33 14.58 -1.50
N GLY B 53 -24.27 14.26 -0.59
CA GLY B 53 -23.99 14.13 0.84
C GLY B 53 -22.90 13.09 1.08
N TYR B 54 -22.96 11.99 0.34
CA TYR B 54 -21.96 10.92 0.45
C TYR B 54 -20.59 11.33 -0.09
N VAL B 55 -20.56 12.22 -1.08
CA VAL B 55 -19.27 12.80 -1.53
C VAL B 55 -18.61 13.58 -0.35
N LYS B 56 -19.41 14.37 0.34
CA LYS B 56 -18.90 15.21 1.42
C LYS B 56 -18.66 14.43 2.72
N ASP B 57 -19.35 13.30 2.85
CA ASP B 57 -19.42 12.59 4.13
C ASP B 57 -19.38 11.11 3.82
N THR B 58 -18.17 10.61 3.61
CA THR B 58 -17.97 9.27 3.09
C THR B 58 -18.42 8.14 4.05
N PRO B 59 -18.94 7.01 3.50
CA PRO B 59 -19.19 5.77 4.30
C PRO B 59 -17.86 5.10 4.58
N LEU B 60 -17.87 4.11 5.47
CA LEU B 60 -16.74 3.19 5.56
C LEU B 60 -16.84 2.20 4.40
N THR B 61 -15.71 1.63 4.02
CA THR B 61 -15.72 0.45 3.17
C THR B 61 -16.17 -0.77 4.00
N ARG B 62 -16.40 -1.90 3.32
CA ARG B 62 -16.61 -3.18 4.03
C ARG B 62 -15.45 -3.50 4.97
N LEU B 63 -14.22 -3.30 4.51
CA LEU B 63 -13.10 -3.54 5.37
C LEU B 63 -13.11 -2.57 6.57
N GLY B 64 -13.52 -1.32 6.40
CA GLY B 64 -13.55 -0.39 7.56
C GLY B 64 -14.49 -0.91 8.62
N TRP B 65 -15.63 -1.47 8.21
CA TRP B 65 -16.53 -2.11 9.18
C TRP B 65 -15.85 -3.28 9.86
N PHE B 66 -15.21 -4.13 9.06
CA PHE B 66 -14.46 -5.28 9.61
C PHE B 66 -13.35 -4.88 10.61
N GLN B 67 -12.53 -3.89 10.26
CA GLN B 67 -11.53 -3.32 11.17
C GLN B 67 -12.13 -2.92 12.52
N ALA B 68 -13.28 -2.24 12.47
CA ALA B 68 -14.01 -1.83 13.67
C ALA B 68 -14.51 -3.05 14.51
N GLN B 69 -15.06 -4.03 13.81
CA GLN B 69 -15.54 -5.25 14.45
C GLN B 69 -14.42 -6.02 15.13
N LEU B 70 -13.23 -6.02 14.52
CA LEU B 70 -12.12 -6.75 15.13
C LEU B 70 -11.71 -6.12 16.46
N VAL B 71 -11.74 -4.80 16.53
CA VAL B 71 -11.47 -4.11 17.78
C VAL B 71 -12.51 -4.48 18.84
N GLY B 72 -13.80 -4.44 18.45
CA GLY B 72 -14.88 -4.78 19.39
C GLY B 72 -14.70 -6.21 19.87
N GLU B 73 -14.40 -7.11 18.94
CA GLU B 73 -14.16 -8.54 19.28
C GLU B 73 -13.00 -8.69 20.23
N GLY B 74 -11.92 -7.93 19.97
CA GLY B 74 -10.74 -7.88 20.86
C GLY B 74 -11.09 -7.44 22.28
N MET B 75 -11.93 -6.42 22.41
CA MET B 75 -12.40 -6.02 23.76
C MET B 75 -13.19 -7.12 24.45
N ARG B 76 -14.09 -7.75 23.70
CA ARG B 76 -14.94 -8.81 24.24
C ARG B 76 -14.05 -9.97 24.73
N MET B 77 -13.07 -10.34 23.91
CA MET B 77 -12.14 -11.41 24.28
C MET B 77 -11.35 -11.10 25.54
N ALA B 78 -11.06 -9.83 25.73
CA ALA B 78 -10.33 -9.34 26.90
C ALA B 78 -11.24 -9.21 28.13
N GLY B 79 -12.53 -9.40 27.93
CA GLY B 79 -13.52 -9.34 29.02
C GLY B 79 -13.83 -7.93 29.44
N VAL B 80 -13.65 -6.98 28.52
CA VAL B 80 -13.90 -5.56 28.79
C VAL B 80 -15.26 -5.17 28.22
N SER B 81 -16.11 -4.57 29.04
CA SER B 81 -17.42 -4.14 28.57
C SER B 81 -17.37 -2.64 28.23
N ILE B 82 -18.38 -2.14 27.52
CA ILE B 82 -18.48 -0.71 27.28
C ILE B 82 -19.93 -0.30 27.55
N LYS B 83 -20.11 0.88 28.14
CA LYS B 83 -21.43 1.38 28.43
C LYS B 83 -21.71 2.73 27.75
N HIS B 84 -20.65 3.54 27.57
CA HIS B 84 -20.82 4.91 27.14
C HIS B 84 -20.08 5.14 25.83
N VAL B 85 -20.84 5.32 24.75
CA VAL B 85 -20.23 5.37 23.43
C VAL B 85 -20.56 6.73 22.80
N TYR B 86 -19.51 7.48 22.47
CA TYR B 86 -19.68 8.79 21.84
C TYR B 86 -18.98 8.75 20.52
N ALA B 87 -19.61 9.32 19.50
CA ALA B 87 -19.01 9.35 18.16
C ALA B 87 -19.10 10.72 17.57
N SER B 88 -18.08 11.07 16.77
CA SER B 88 -18.14 12.26 15.90
C SER B 88 -19.32 12.10 14.94
N PRO B 89 -19.94 13.21 14.55
CA PRO B 89 -21.09 13.11 13.68
C PRO B 89 -20.78 12.69 12.26
N ALA B 90 -19.49 12.61 11.90
CA ALA B 90 -19.11 12.15 10.56
C ALA B 90 -19.58 10.70 10.38
N LEU B 91 -20.17 10.42 9.23
CA LEU B 91 -20.72 9.07 9.02
C LEU B 91 -19.70 7.98 9.31
N ARG B 92 -18.46 8.15 8.83
CA ARG B 92 -17.43 7.13 9.04
C ARG B 92 -17.23 6.81 10.53
N CYS B 93 -17.48 7.80 11.39
CA CYS B 93 -17.24 7.60 12.84
C CYS B 93 -18.42 6.82 13.44
N VAL B 94 -19.63 7.21 13.08
CA VAL B 94 -20.84 6.52 13.54
C VAL B 94 -20.84 5.05 13.10
N GLU B 95 -20.54 4.80 11.82
CA GLU B 95 -20.40 3.43 11.34
C GLU B 95 -19.30 2.65 12.06
N THR B 96 -18.16 3.31 12.32
CA THR B 96 -17.11 2.64 13.10
C THR B 96 -17.63 2.25 14.49
N ALA B 97 -18.37 3.15 15.15
CA ALA B 97 -18.99 2.86 16.45
C ALA B 97 -19.88 1.64 16.34
N GLN B 98 -20.67 1.58 15.27
CA GLN B 98 -21.55 0.45 15.14
C GLN B 98 -20.78 -0.85 14.94
N GLY B 99 -19.75 -0.83 14.09
CA GLY B 99 -18.97 -2.06 13.83
C GLY B 99 -18.31 -2.52 15.10
N PHE B 100 -17.84 -1.56 15.89
CA PHE B 100 -17.23 -1.85 17.20
C PHE B 100 -18.25 -2.54 18.13
N LEU B 101 -19.43 -1.94 18.24
CA LEU B 101 -20.52 -2.54 19.05
C LEU B 101 -20.94 -3.94 18.59
N ASP B 102 -20.93 -4.15 17.28
CA ASP B 102 -21.21 -5.45 16.69
C ASP B 102 -20.17 -6.47 17.13
N GLY B 103 -18.89 -6.12 17.06
CA GLY B 103 -17.82 -7.04 17.45
C GLY B 103 -17.83 -7.33 18.95
N LEU B 104 -18.12 -6.28 19.73
CA LEU B 104 -18.22 -6.40 21.19
C LEU B 104 -19.45 -7.23 21.62
N ARG B 105 -20.45 -7.28 20.76
CA ARG B 105 -21.77 -7.89 21.11
C ARG B 105 -22.38 -7.18 22.31
N ALA B 106 -22.29 -5.87 22.26
CA ALA B 106 -22.80 -5.01 23.30
C ALA B 106 -24.32 -5.21 23.31
N ASP B 107 -24.93 -5.10 24.48
CA ASP B 107 -26.38 -5.03 24.56
C ASP B 107 -26.87 -3.85 23.70
N PRO B 108 -27.93 -4.07 22.89
CA PRO B 108 -28.50 -3.04 22.01
C PRO B 108 -29.07 -1.82 22.72
N SER B 109 -29.15 -1.88 24.05
CA SER B 109 -29.48 -0.69 24.83
C SER B 109 -28.29 0.28 24.91
N VAL B 110 -27.08 -0.19 24.59
CA VAL B 110 -25.93 0.70 24.48
C VAL B 110 -25.97 1.47 23.15
N LYS B 111 -26.24 2.77 23.23
CA LYS B 111 -26.46 3.58 22.02
C LYS B 111 -25.26 4.41 21.68
N ILE B 112 -25.15 4.73 20.40
CA ILE B 112 -24.13 5.65 19.90
C ILE B 112 -24.61 7.07 20.09
N LYS B 113 -23.91 7.79 20.95
CA LYS B 113 -24.28 9.19 21.20
C LYS B 113 -23.49 10.07 20.26
N VAL B 114 -24.17 10.75 19.35
CA VAL B 114 -23.50 11.59 18.34
C VAL B 114 -23.17 12.95 18.95
N GLU B 115 -21.87 13.23 19.03
CA GLU B 115 -21.37 14.38 19.76
C GLU B 115 -20.55 15.25 18.83
N PRO B 116 -21.12 16.36 18.37
CA PRO B 116 -20.42 17.36 17.55
C PRO B 116 -19.11 17.83 18.18
N GLY B 117 -18.99 17.77 19.51
CA GLY B 117 -17.74 18.12 20.18
C GLY B 117 -16.54 17.32 19.67
N LEU B 118 -16.80 16.12 19.16
CA LEU B 118 -15.74 15.19 18.70
C LEU B 118 -15.38 15.36 17.22
N PHE B 119 -16.06 16.26 16.52
CA PHE B 119 -15.77 16.44 15.08
C PHE B 119 -14.38 17.02 14.90
N GLU B 120 -13.76 16.68 13.77
CA GLU B 120 -12.44 17.15 13.39
C GLU B 120 -12.36 18.68 13.27
N PHE B 121 -11.13 19.15 13.16
CA PHE B 121 -10.83 20.57 13.09
C PHE B 121 -11.44 21.16 11.83
N LYS B 122 -12.21 22.23 11.98
CA LYS B 122 -12.79 22.93 10.86
C LYS B 122 -11.83 24.05 10.45
N ASN B 123 -10.80 23.66 9.72
CA ASN B 123 -9.67 24.55 9.33
C ASN B 123 -10.06 25.49 8.17
N TRP B 124 -9.81 26.79 8.32
CA TRP B 124 -10.23 27.75 7.28
C TRP B 124 -9.47 27.49 5.96
N HIS B 125 -8.28 26.90 6.10
CA HIS B 125 -7.44 26.56 4.95
C HIS B 125 -7.93 25.33 4.21
N MET B 126 -8.73 24.50 4.88
CA MET B 126 -9.36 23.38 4.20
C MET B 126 -10.87 23.47 4.30
N PRO B 127 -11.48 24.46 3.62
CA PRO B 127 -12.93 24.48 3.68
C PRO B 127 -13.43 23.19 3.05
N LYS B 128 -14.15 22.41 3.83
CA LYS B 128 -14.80 21.21 3.34
C LYS B 128 -16.28 21.45 3.41
N GLY B 129 -17.03 20.82 2.51
CA GLY B 129 -18.48 20.79 2.64
C GLY B 129 -18.80 20.02 3.90
N ILE B 130 -19.65 20.58 4.76
CA ILE B 130 -20.08 19.85 5.94
C ILE B 130 -21.50 19.39 5.69
N ASP B 131 -21.70 18.09 5.77
CA ASP B 131 -23.04 17.55 5.62
C ASP B 131 -23.11 16.36 6.56
N PHE B 132 -23.96 16.44 7.58
CA PHE B 132 -24.15 15.28 8.48
C PHE B 132 -25.53 14.67 8.38
N MET B 133 -25.59 13.34 8.46
CA MET B 133 -26.88 12.64 8.58
C MET B 133 -27.43 12.86 9.98
N THR B 134 -28.74 13.04 10.08
CA THR B 134 -29.37 13.27 11.36
C THR B 134 -29.52 11.95 12.13
N PRO B 135 -29.68 12.02 13.47
CA PRO B 135 -29.95 10.79 14.23
C PRO B 135 -31.02 9.88 13.62
N ILE B 136 -32.14 10.43 13.15
CA ILE B 136 -33.20 9.59 12.57
C ILE B 136 -32.77 8.96 11.24
N GLU B 137 -32.01 9.73 10.46
CA GLU B 137 -31.50 9.18 9.19
C GLU B 137 -30.50 8.06 9.44
N LEU B 138 -29.66 8.22 10.44
CA LEU B 138 -28.68 7.18 10.82
C LEU B 138 -29.39 5.93 11.38
N CYS B 139 -30.42 6.14 12.21
CA CYS B 139 -31.21 4.98 12.72
C CYS B 139 -31.91 4.24 11.55
N LYS B 140 -32.43 5.00 10.60
CA LYS B 140 -33.06 4.37 9.44
C LYS B 140 -32.09 3.49 8.66
N ALA B 141 -30.82 3.90 8.64
CA ALA B 141 -29.75 3.18 7.98
C ALA B 141 -29.43 1.90 8.74
N GLY B 142 -29.98 1.78 9.96
CA GLY B 142 -29.72 0.64 10.86
C GLY B 142 -28.61 0.84 11.89
N LEU B 143 -28.18 2.08 12.07
CA LEU B 143 -27.16 2.39 13.10
C LEU B 143 -27.83 2.64 14.46
N ASN B 144 -27.24 2.14 15.55
CA ASN B 144 -27.88 2.17 16.86
C ASN B 144 -27.64 3.50 17.60
N VAL B 145 -28.15 4.58 17.01
CA VAL B 145 -27.85 5.93 17.49
C VAL B 145 -28.89 6.37 18.51
N ASP B 146 -28.39 7.05 19.55
CA ASP B 146 -29.22 7.59 20.64
C ASP B 146 -30.02 8.78 20.11
N MET B 147 -31.34 8.59 20.00
CA MET B 147 -32.26 9.61 19.48
C MET B 147 -32.62 10.69 20.48
N THR B 148 -32.30 10.50 21.73
CA THR B 148 -32.64 11.49 22.75
C THR B 148 -31.43 12.14 23.40
N TYR B 149 -30.23 11.81 22.92
CA TYR B 149 -29.03 12.42 23.45
C TYR B 149 -28.98 13.92 23.13
N LYS B 150 -28.68 14.72 24.13
CA LYS B 150 -28.49 16.16 23.94
C LYS B 150 -26.99 16.42 24.03
N PRO B 151 -26.36 16.80 22.90
CA PRO B 151 -24.90 16.88 22.93
C PRO B 151 -24.35 17.97 23.83
N TYR B 152 -23.09 17.79 24.20
CA TYR B 152 -22.36 18.76 24.97
C TYR B 152 -22.06 20.02 24.18
N VAL B 153 -21.80 19.86 22.89
CA VAL B 153 -21.37 20.93 22.04
C VAL B 153 -22.31 21.08 20.86
N GLU B 154 -22.75 22.32 20.64
CA GLU B 154 -23.46 22.69 19.42
C GLU B 154 -22.43 23.36 18.49
N MET B 155 -22.37 22.87 17.27
CA MET B 155 -21.36 23.30 16.32
C MET B 155 -21.99 23.86 15.06
N ASP B 156 -21.51 25.01 14.59
CA ASP B 156 -21.96 25.52 13.30
C ASP B 156 -21.08 24.94 12.19
N ALA B 157 -21.33 25.39 10.96
CA ALA B 157 -20.62 24.87 9.81
C ALA B 157 -19.41 25.73 9.48
N SER B 158 -19.18 26.77 10.27
CA SER B 158 -18.07 27.71 10.04
C SER B 158 -16.71 27.26 10.55
N ALA B 159 -15.67 27.77 9.90
CA ALA B 159 -14.30 27.59 10.33
C ALA B 159 -14.11 28.06 11.78
N GLU B 160 -13.10 27.52 12.43
CA GLU B 160 -12.81 27.84 13.83
C GLU B 160 -11.28 27.94 13.95
N THR B 161 -10.82 28.59 15.01
CA THR B 161 -9.41 28.59 15.29
C THR B 161 -9.03 27.27 15.92
N MET B 162 -7.74 26.95 15.91
CA MET B 162 -7.23 25.76 16.56
C MET B 162 -7.60 25.73 18.04
N ASP B 163 -7.54 26.89 18.71
CA ASP B 163 -7.88 26.99 20.13
C ASP B 163 -9.34 26.59 20.36
N GLU B 164 -10.23 27.13 19.53
CA GLU B 164 -11.66 26.80 19.57
C GLU B 164 -11.95 25.34 19.31
N PHE B 165 -11.27 24.75 18.34
CA PHE B 165 -11.31 23.32 18.10
C PHE B 165 -10.95 22.49 19.34
N PHE B 166 -9.80 22.74 19.95
CA PHE B 166 -9.39 21.90 21.06
C PHE B 166 -10.26 22.12 22.28
N LYS B 167 -10.82 23.31 22.42
CA LYS B 167 -11.79 23.58 23.49
C LYS B 167 -13.06 22.74 23.34
N ARG B 168 -13.55 22.61 22.09
CA ARG B 168 -14.73 21.80 21.77
C ARG B 168 -14.53 20.39 22.29
N GLY B 169 -13.40 19.81 21.89
CA GLY B 169 -13.10 18.42 22.16
C GLY B 169 -12.93 18.21 23.64
N GLU B 170 -12.30 19.19 24.30
CA GLU B 170 -12.02 19.08 25.73
C GLU B 170 -13.31 19.16 26.53
N VAL B 171 -14.17 20.09 26.18
CA VAL B 171 -15.47 20.21 26.86
C VAL B 171 -16.24 18.90 26.78
N ALA B 172 -16.31 18.33 25.58
CA ALA B 172 -17.12 17.16 25.37
C ALA B 172 -16.53 15.96 26.08
N MET B 173 -15.21 15.74 25.95
CA MET B 173 -14.57 14.60 26.58
C MET B 173 -14.60 14.66 28.10
N GLN B 174 -14.26 15.82 28.65
CA GLN B 174 -14.27 15.98 30.12
C GLN B 174 -15.69 15.87 30.68
N ALA B 175 -16.67 16.44 29.98
CA ALA B 175 -18.07 16.28 30.39
C ALA B 175 -18.53 14.82 30.35
N ALA B 176 -18.15 14.10 29.30
CA ALA B 176 -18.48 12.69 29.18
C ALA B 176 -17.93 11.88 30.36
N VAL B 177 -16.66 12.11 30.68
CA VAL B 177 -15.98 11.37 31.75
C VAL B 177 -16.55 11.75 33.13
N ASN B 178 -16.70 13.04 33.36
CA ASN B 178 -17.32 13.51 34.60
C ASN B 178 -18.75 12.98 34.81
N ASP B 179 -19.58 13.09 33.79
CA ASP B 179 -20.98 12.70 33.87
C ASP B 179 -21.20 11.20 34.08
N THR B 180 -20.22 10.38 33.73
CA THR B 180 -20.36 8.93 33.82
C THR B 180 -19.63 8.32 35.02
N GLU B 181 -19.07 9.20 35.85
CA GLU B 181 -18.21 8.78 36.95
C GLU B 181 -19.01 8.00 38.00
N LYS B 182 -20.20 8.50 38.35
CA LYS B 182 -21.07 7.84 39.34
C LYS B 182 -21.46 6.42 38.90
N ASP B 183 -21.83 6.28 37.63
CA ASP B 183 -22.16 4.97 37.04
C ASP B 183 -20.91 4.08 37.03
N GLY B 184 -19.78 4.63 36.60
CA GLY B 184 -18.50 3.93 36.60
C GLY B 184 -18.21 2.98 35.43
N GLY B 185 -19.11 2.98 34.44
CA GLY B 185 -18.90 2.18 33.22
C GLY B 185 -17.81 2.72 32.31
N ASN B 186 -17.31 1.87 31.42
CA ASN B 186 -16.23 2.27 30.50
C ASN B 186 -16.76 3.14 29.38
N VAL B 187 -15.90 4.01 28.87
CA VAL B 187 -16.24 5.03 27.90
C VAL B 187 -15.38 4.84 26.64
N ILE B 188 -15.97 5.06 25.45
CA ILE B 188 -15.16 5.15 24.23
C ILE B 188 -15.57 6.38 23.43
N PHE B 189 -14.55 7.03 22.88
CA PHE B 189 -14.72 8.14 21.93
C PHE B 189 -14.31 7.65 20.54
N ILE B 190 -15.26 7.66 19.63
CA ILE B 190 -14.99 7.18 18.27
C ILE B 190 -14.96 8.36 17.33
N GLY B 191 -13.78 8.63 16.77
CA GLY B 191 -13.65 9.80 15.97
C GLY B 191 -12.58 9.74 14.91
N HIS B 192 -11.64 10.66 15.03
CA HIS B 192 -10.70 10.94 13.96
C HIS B 192 -9.29 10.63 14.50
N ALA B 193 -8.29 10.79 13.65
CA ALA B 193 -6.92 10.47 14.04
C ALA B 193 -6.52 11.31 15.25
N ILE B 194 -6.98 12.56 15.28
CA ILE B 194 -6.61 13.51 16.34
C ILE B 194 -7.25 13.19 17.71
N THR B 195 -8.34 12.43 17.68
CA THR B 195 -9.16 12.12 18.86
C THR B 195 -8.38 11.42 19.96
N LEU B 196 -7.39 10.61 19.57
CA LEU B 196 -6.58 9.88 20.52
C LEU B 196 -5.79 10.87 21.38
N ASP B 197 -5.12 11.81 20.72
CA ASP B 197 -4.36 12.86 21.38
C ASP B 197 -5.27 13.80 22.19
N GLN B 198 -6.48 14.07 21.68
CA GLN B 198 -7.42 14.90 22.42
C GLN B 198 -7.85 14.22 23.71
N MET B 199 -8.02 12.90 23.67
CA MET B 199 -8.44 12.15 24.85
C MET B 199 -7.33 12.22 25.91
N VAL B 200 -6.10 11.98 25.50
CA VAL B 200 -4.97 12.08 26.43
C VAL B 200 -4.91 13.48 27.04
N GLY B 201 -4.95 14.52 26.22
CA GLY B 201 -4.91 15.89 26.74
C GLY B 201 -6.05 16.19 27.71
N ALA B 202 -7.26 15.79 27.33
CA ALA B 202 -8.46 16.09 28.14
C ALA B 202 -8.41 15.45 29.50
N LEU B 203 -7.99 14.19 29.56
CA LEU B 203 -8.02 13.43 30.80
C LEU B 203 -6.83 13.78 31.69
N HIS B 204 -5.67 14.06 31.11
CA HIS B 204 -4.56 14.64 31.89
C HIS B 204 -4.96 15.95 32.57
N ARG B 205 -5.74 16.77 31.87
CA ARG B 205 -6.15 18.06 32.40
C ARG B 205 -7.18 17.98 33.52
N LEU B 206 -7.62 16.77 33.86
CA LEU B 206 -8.54 16.61 34.96
C LEU B 206 -7.80 16.59 36.31
N ARG B 207 -6.49 16.38 36.29
CA ARG B 207 -5.67 16.46 37.52
C ARG B 207 -5.47 17.90 38.02
N ASP B 208 -5.02 18.03 39.28
CA ASP B 208 -4.82 19.34 39.91
C ASP B 208 -3.60 20.08 39.36
N ASP B 209 -2.48 19.38 39.26
CA ASP B 209 -1.20 19.98 38.89
C ASP B 209 -0.98 19.96 37.37
N MET B 210 -0.79 21.15 36.80
CA MET B 210 -0.77 21.31 35.35
C MET B 210 0.64 21.39 34.77
N GLU B 211 1.65 21.19 35.61
CA GLU B 211 3.05 21.36 35.18
C GLU B 211 3.53 20.32 34.15
N ASP B 212 3.00 19.10 34.23
CA ASP B 212 3.36 18.04 33.28
C ASP B 212 2.53 18.07 31.98
N VAL B 213 1.57 18.98 31.88
CA VAL B 213 0.61 18.98 30.78
C VAL B 213 1.08 19.75 29.54
N GLN B 214 1.14 19.06 28.40
CA GLN B 214 1.60 19.67 27.16
C GLN B 214 0.45 20.36 26.44
N PRO B 215 0.70 21.56 25.87
CA PRO B 215 -0.28 22.26 25.04
C PRO B 215 -0.74 21.39 23.86
N TYR B 216 -2.01 21.51 23.50
CA TYR B 216 -2.54 20.82 22.34
C TYR B 216 -1.86 21.32 21.08
N GLU B 217 -1.53 20.40 20.19
CA GLU B 217 -0.94 20.73 18.87
C GLU B 217 -1.61 19.97 17.75
N ILE B 218 -1.97 20.65 16.67
CA ILE B 218 -2.22 19.90 15.43
C ILE B 218 -0.87 19.68 14.80
N GLY B 219 -0.59 18.48 14.33
CA GLY B 219 0.71 18.27 13.71
C GLY B 219 1.81 17.96 14.70
N ARG B 220 1.48 17.49 15.90
CA ARG B 220 2.52 16.98 16.81
C ARG B 220 3.29 15.86 16.09
N ASN B 221 2.55 15.00 15.38
CA ASN B 221 3.15 13.94 14.57
C ASN B 221 2.86 14.08 13.06
N LEU B 222 3.77 13.56 12.25
CA LEU B 222 3.72 13.75 10.82
C LEU B 222 2.65 12.90 10.15
N LEU B 223 2.41 11.70 10.67
CA LEU B 223 1.48 10.76 10.06
C LEU B 223 0.27 10.57 10.97
N LYS B 224 -0.90 10.35 10.35
CA LYS B 224 -2.10 9.99 11.14
C LYS B 224 -1.95 8.59 11.71
N VAL B 225 -2.46 8.38 12.93
CA VAL B 225 -2.54 7.01 13.45
C VAL B 225 -3.37 6.18 12.46
N PRO B 226 -3.12 4.86 12.38
CA PRO B 226 -3.78 4.01 11.38
C PRO B 226 -5.27 3.91 11.58
N TYR B 227 -5.98 3.39 10.57
CA TYR B 227 -7.42 3.20 10.71
C TYR B 227 -7.67 2.30 11.90
N CYS B 228 -8.66 2.68 12.73
CA CYS B 228 -9.08 1.92 13.92
C CYS B 228 -7.94 1.77 14.94
N ALA B 229 -6.98 2.70 14.91
CA ALA B 229 -6.01 2.86 16.01
C ALA B 229 -6.76 3.04 17.33
N LEU B 230 -6.34 2.29 18.34
CA LEU B 230 -6.96 2.33 19.66
C LEU B 230 -6.02 2.84 20.72
N GLY B 231 -6.43 3.92 21.39
CA GLY B 231 -5.74 4.47 22.54
C GLY B 231 -6.53 4.18 23.80
N ALA B 232 -5.83 4.00 24.92
CA ALA B 232 -6.49 3.63 26.16
C ALA B 232 -5.91 4.37 27.36
N MET B 233 -6.79 4.75 28.28
CA MET B 233 -6.39 5.28 29.58
C MET B 233 -7.16 4.56 30.66
N ARG B 234 -6.59 4.51 31.86
CA ARG B 234 -7.29 4.01 33.03
C ARG B 234 -7.16 5.02 34.15
N GLY B 235 -8.21 5.08 34.98
CA GLY B 235 -8.27 6.05 36.07
C GLY B 235 -9.55 5.92 36.88
N LYS B 236 -9.75 6.82 37.84
CA LYS B 236 -8.80 7.88 38.23
C LYS B 236 -7.64 7.31 39.05
N PRO B 237 -6.43 7.90 38.91
CA PRO B 237 -6.10 9.06 38.08
C PRO B 237 -5.76 8.62 36.67
N TRP B 238 -5.93 9.52 35.71
CA TRP B 238 -5.86 9.13 34.29
C TRP B 238 -4.45 8.94 33.75
N ASP B 239 -4.20 7.72 33.31
CA ASP B 239 -2.89 7.29 32.83
C ASP B 239 -3.05 6.56 31.52
N VAL B 240 -2.15 6.83 30.59
CA VAL B 240 -2.05 6.12 29.32
C VAL B 240 -1.50 4.72 29.54
N VAL B 241 -2.23 3.72 29.08
CA VAL B 241 -1.86 2.35 29.31
C VAL B 241 -2.01 1.57 28.02
N SER B 242 -1.41 0.39 27.96
CA SER B 242 -1.66 -0.54 26.87
C SER B 242 -3.15 -0.92 26.81
N PRO B 243 -3.79 -0.75 25.63
CA PRO B 243 -5.16 -1.21 25.49
C PRO B 243 -5.24 -2.72 25.74
N PRO B 244 -6.44 -3.27 26.02
CA PRO B 244 -6.56 -4.68 26.37
C PRO B 244 -6.58 -5.67 25.21
N CYS B 245 -6.53 -5.16 23.97
CA CYS B 245 -6.41 -6.01 22.79
C CYS B 245 -5.28 -5.51 21.88
N PRO B 246 -4.74 -6.40 21.02
CA PRO B 246 -3.60 -6.05 20.19
C PRO B 246 -3.92 -5.00 19.11
N PRO B 247 -2.87 -4.38 18.53
CA PRO B 247 -3.06 -3.53 17.36
C PRO B 247 -3.30 -4.39 16.13
N SER B 248 -3.35 -3.77 14.94
CA SER B 248 -3.72 -4.49 13.72
C SER B 248 -2.90 -3.97 12.56
N ILE B 249 -2.71 -4.82 11.55
CA ILE B 249 -2.09 -4.43 10.28
C ILE B 249 -2.71 -5.26 9.15
N ASN B 250 -3.02 -4.62 8.03
CA ASN B 250 -3.39 -5.36 6.82
C ASN B 250 -2.73 -4.74 5.61
N SER B 251 -2.63 -5.55 4.57
CA SER B 251 -2.03 -5.04 3.36
C SER B 251 -3.11 -4.61 2.37
N SER B 252 -2.68 -4.07 1.23
CA SER B 252 -3.62 -3.69 0.19
C SER B 252 -3.95 -4.85 -0.77
N SER B 253 -4.96 -4.65 -1.60
CA SER B 253 -5.24 -5.59 -2.67
C SER B 253 -5.94 -4.84 -3.76
N GLY B 254 -5.37 -4.87 -4.96
CA GLY B 254 -5.90 -4.12 -6.07
C GLY B 254 -7.08 -4.80 -6.74
N ARG B 255 -7.61 -4.12 -7.75
CA ARG B 255 -8.85 -4.54 -8.35
C ARG B 255 -8.56 -5.35 -9.60
N PHE B 256 -9.12 -6.56 -9.68
CA PHE B 256 -8.86 -7.44 -10.81
C PHE B 256 -9.73 -7.04 -12.02
N ASP B 257 -9.14 -7.09 -13.22
CA ASP B 257 -9.88 -6.92 -14.48
C ASP B 257 -9.90 -8.25 -15.23
N TRP B 258 -11.07 -8.91 -15.25
CA TRP B 258 -11.19 -10.28 -15.80
C TRP B 258 -10.80 -10.36 -17.28
N ARG B 259 -10.86 -9.20 -17.96
CA ARG B 259 -10.55 -9.12 -19.39
C ARG B 259 -9.08 -9.37 -19.71
N ILE B 260 -8.22 -9.40 -18.72
CA ILE B 260 -6.84 -9.83 -18.98
C ILE B 260 -6.74 -11.32 -19.25
N LEU B 261 -7.78 -12.08 -18.90
CA LEU B 261 -7.85 -13.50 -19.22
C LEU B 261 -8.18 -13.68 -20.71
N ILE B 262 -8.24 -12.53 -21.40
CA ILE B 262 -8.62 -12.34 -22.81
C ILE B 262 -10.03 -12.83 -23.14
N ARG C 4 34.76 10.35 19.43
CA ARG C 4 33.59 9.53 19.05
C ARG C 4 33.41 9.40 17.55
N ARG C 5 32.74 8.30 17.16
CA ARG C 5 32.56 7.87 15.79
C ARG C 5 31.10 7.44 15.64
N TRP C 6 30.61 7.42 14.39
CA TRP C 6 29.30 6.81 14.10
C TRP C 6 29.43 5.37 13.59
N VAL C 7 28.48 4.51 13.95
CA VAL C 7 28.33 3.24 13.26
C VAL C 7 26.86 3.14 12.85
N PHE C 8 26.62 2.89 11.56
CA PHE C 8 25.26 2.84 11.03
C PHE C 8 24.87 1.44 10.55
N ALA C 9 23.58 1.15 10.55
CA ALA C 9 23.05 -0.06 9.88
C ALA C 9 21.90 0.36 9.01
N LEU C 10 21.86 -0.18 7.79
CA LEU C 10 20.90 0.23 6.78
C LEU C 10 20.29 -1.00 6.12
N ARG C 11 18.97 -1.10 6.13
CA ARG C 11 18.31 -2.14 5.32
C ARG C 11 18.37 -1.79 3.84
N HIS C 12 18.51 -2.80 2.99
CA HIS C 12 18.40 -2.59 1.54
C HIS C 12 17.12 -1.84 1.12
N GLY C 13 17.13 -1.30 -0.10
CA GLY C 13 15.97 -0.68 -0.74
C GLY C 13 14.96 -1.67 -1.31
N GLU C 14 13.94 -1.08 -1.94
CA GLU C 14 12.83 -1.82 -2.52
C GLU C 14 13.34 -2.87 -3.47
N ARG C 15 12.83 -4.10 -3.29
CA ARG C 15 13.25 -5.29 -4.07
C ARG C 15 12.39 -5.52 -5.31
N VAL C 16 13.01 -5.85 -6.46
CA VAL C 16 12.21 -6.23 -7.65
C VAL C 16 11.27 -7.40 -7.35
N ASP C 17 11.78 -8.45 -6.72
CA ASP C 17 10.97 -9.66 -6.53
C ASP C 17 9.72 -9.46 -5.66
N LEU C 18 9.77 -8.50 -4.76
CA LEU C 18 8.61 -8.23 -3.92
C LEU C 18 7.67 -7.19 -4.51
N THR C 19 8.11 -6.47 -5.51
CA THR C 19 7.32 -5.40 -6.14
C THR C 19 6.53 -5.95 -7.35
N TYR C 20 7.10 -6.99 -7.97
CA TYR C 20 6.55 -7.61 -9.18
C TYR C 20 6.21 -9.08 -8.95
N GLY C 21 5.57 -9.68 -9.94
CA GLY C 21 5.25 -11.10 -9.92
C GLY C 21 6.38 -11.87 -10.60
N PRO C 22 6.04 -12.73 -11.58
CA PRO C 22 7.05 -13.53 -12.28
C PRO C 22 7.87 -12.71 -13.28
N TRP C 23 8.72 -11.82 -12.76
CA TRP C 23 9.31 -10.80 -13.59
C TRP C 23 10.40 -11.36 -14.52
N VAL C 24 11.10 -12.41 -14.08
CA VAL C 24 12.20 -12.93 -14.89
C VAL C 24 11.65 -13.58 -16.17
N PRO C 25 10.75 -14.57 -16.04
CA PRO C 25 10.18 -15.09 -17.30
C PRO C 25 9.46 -14.04 -18.14
N HIS C 26 8.80 -13.06 -17.49
CA HIS C 26 8.16 -11.96 -18.21
C HIS C 26 9.14 -11.09 -19.01
N CYS C 27 10.25 -10.71 -18.38
CA CYS C 27 11.16 -9.71 -18.96
C CYS C 27 12.23 -10.28 -19.87
N PHE C 28 12.57 -11.56 -19.64
CA PHE C 28 13.58 -12.21 -20.48
C PHE C 28 12.95 -12.83 -21.70
N GLU C 29 13.47 -12.45 -22.86
CA GLU C 29 13.02 -12.99 -24.13
C GLU C 29 14.21 -13.29 -25.03
N ASN C 30 14.86 -14.46 -24.94
CA ASN C 30 14.84 -15.40 -23.83
C ASN C 30 16.29 -15.79 -23.59
N ASP C 31 16.87 -15.17 -22.58
CA ASP C 31 18.31 -14.98 -22.37
C ASP C 31 18.73 -13.50 -22.51
N THR C 32 17.91 -12.69 -23.17
CA THR C 32 18.13 -11.25 -23.12
C THR C 32 17.03 -10.48 -22.37
N TYR C 33 17.45 -9.67 -21.43
CA TYR C 33 16.52 -8.89 -20.62
C TYR C 33 15.94 -7.71 -21.42
N VAL C 34 14.63 -7.50 -21.30
CA VAL C 34 13.90 -6.34 -21.85
C VAL C 34 13.21 -5.63 -20.70
N ARG C 35 13.49 -4.35 -20.53
CA ARG C 35 12.84 -3.61 -19.46
C ARG C 35 11.36 -3.41 -19.80
N LYS C 36 10.46 -3.88 -18.95
CA LYS C 36 9.03 -3.81 -19.25
C LYS C 36 8.21 -2.91 -18.31
N ASP C 37 8.92 -2.16 -17.47
CA ASP C 37 8.30 -1.25 -16.50
C ASP C 37 9.31 -0.18 -16.13
N LEU C 38 8.88 1.07 -15.95
CA LEU C 38 9.83 2.15 -15.60
C LEU C 38 10.54 1.95 -14.26
N ASN C 39 9.99 1.16 -13.36
CA ASN C 39 10.64 0.98 -12.06
C ASN C 39 11.58 -0.26 -12.05
N LEU C 40 11.70 -0.94 -13.20
CA LEU C 40 12.65 -2.06 -13.35
C LEU C 40 14.01 -1.56 -13.83
N PRO C 41 15.07 -2.35 -13.59
CA PRO C 41 16.42 -1.93 -13.99
C PRO C 41 16.47 -1.61 -15.50
N LEU C 42 17.27 -0.62 -15.88
CA LEU C 42 17.46 -0.29 -17.31
C LEU C 42 18.10 -1.47 -18.05
N LYS C 43 19.02 -2.13 -17.36
CA LYS C 43 19.65 -3.33 -17.89
C LYS C 43 20.08 -4.22 -16.74
N LEU C 44 20.44 -5.45 -17.06
CA LEU C 44 20.98 -6.36 -16.06
C LEU C 44 22.36 -6.87 -16.47
N ALA C 45 23.30 -6.74 -15.55
CA ALA C 45 24.69 -7.19 -15.78
C ALA C 45 24.75 -8.70 -15.96
N HIS C 46 25.73 -9.19 -16.73
CA HIS C 46 25.92 -10.63 -16.83
C HIS C 46 26.27 -11.24 -15.47
N ARG C 47 25.73 -12.41 -15.22
CA ARG C 47 26.14 -13.21 -14.07
C ARG C 47 26.18 -14.67 -14.45
N ALA C 48 27.04 -15.43 -13.77
CA ALA C 48 27.29 -16.84 -14.12
C ALA C 48 26.02 -17.68 -14.04
N GLY C 49 25.14 -17.33 -13.10
CA GLY C 49 23.91 -18.07 -12.85
C GLY C 49 22.78 -17.71 -13.79
N GLY C 50 23.02 -16.72 -14.65
CA GLY C 50 22.05 -16.37 -15.67
C GLY C 50 20.77 -15.84 -15.06
N LYS C 51 19.67 -15.94 -15.80
CA LYS C 51 18.41 -15.37 -15.33
C LYS C 51 17.93 -16.10 -14.06
N GLY C 52 18.30 -17.38 -13.92
CA GLY C 52 18.06 -18.13 -12.69
C GLY C 52 18.73 -17.49 -11.48
N GLY C 53 19.92 -16.90 -11.68
CA GLY C 53 20.62 -16.17 -10.62
C GLY C 53 19.77 -14.99 -10.14
N TYR C 54 19.14 -14.30 -11.09
CA TYR C 54 18.28 -13.16 -10.77
C TYR C 54 17.00 -13.55 -10.05
N VAL C 55 16.47 -14.74 -10.36
CA VAL C 55 15.30 -15.27 -9.60
C VAL C 55 15.68 -15.43 -8.12
N LYS C 56 16.85 -16.03 -7.86
CA LYS C 56 17.35 -16.29 -6.49
C LYS C 56 17.92 -15.07 -5.78
N ASP C 57 18.32 -14.04 -6.53
CA ASP C 57 19.10 -12.93 -5.98
C ASP C 57 18.65 -11.65 -6.66
N THR C 58 17.54 -11.12 -6.17
CA THR C 58 16.86 -9.99 -6.83
C THR C 58 17.68 -8.69 -6.88
N PRO C 59 17.56 -7.90 -7.97
CA PRO C 59 18.09 -6.55 -7.96
C PRO C 59 17.17 -5.62 -7.15
N LEU C 60 17.65 -4.42 -6.89
CA LEU C 60 16.75 -3.35 -6.47
C LEU C 60 15.91 -2.82 -7.64
N THR C 61 14.72 -2.29 -7.34
CA THR C 61 13.97 -1.46 -8.33
C THR C 61 14.68 -0.12 -8.51
N ARG C 62 14.24 0.68 -9.49
CA ARG C 62 14.72 2.06 -9.59
C ARG C 62 14.45 2.83 -8.28
N LEU C 63 13.27 2.65 -7.71
CA LEU C 63 12.95 3.31 -6.44
C LEU C 63 13.87 2.82 -5.31
N GLY C 64 14.22 1.54 -5.32
CA GLY C 64 15.17 1.03 -4.33
C GLY C 64 16.46 1.82 -4.36
N TRP C 65 16.99 2.06 -5.56
CA TRP C 65 18.21 2.85 -5.68
C TRP C 65 18.01 4.28 -5.19
N PHE C 66 16.85 4.85 -5.50
CA PHE C 66 16.53 6.23 -5.10
C PHE C 66 16.40 6.35 -3.58
N GLN C 67 15.78 5.36 -2.93
CA GLN C 67 15.67 5.32 -1.47
C GLN C 67 17.07 5.35 -0.83
N ALA C 68 17.99 4.59 -1.40
CA ALA C 68 19.36 4.47 -0.89
C ALA C 68 20.11 5.78 -1.11
N GLN C 69 19.95 6.36 -2.29
CA GLN C 69 20.51 7.69 -2.59
C GLN C 69 20.01 8.78 -1.63
N LEU C 70 18.71 8.77 -1.30
CA LEU C 70 18.16 9.74 -0.33
C LEU C 70 18.81 9.70 1.05
N VAL C 71 19.15 8.48 1.50
CA VAL C 71 19.82 8.31 2.78
C VAL C 71 21.23 8.87 2.65
N GLY C 72 21.90 8.56 1.54
CA GLY C 72 23.28 9.05 1.28
C GLY C 72 23.30 10.56 1.22
N GLU C 73 22.31 11.13 0.53
CA GLU C 73 22.13 12.59 0.44
C GLU C 73 21.89 13.18 1.81
N GLY C 74 20.99 12.56 2.57
CA GLY C 74 20.73 12.99 3.94
C GLY C 74 21.97 13.04 4.81
N MET C 75 22.83 12.04 4.69
CA MET C 75 24.07 12.01 5.44
C MET C 75 24.98 13.16 5.08
N ARG C 76 25.15 13.35 3.79
CA ARG C 76 25.91 14.44 3.20
C ARG C 76 25.43 15.79 3.74
N MET C 77 24.12 15.95 3.85
CA MET C 77 23.52 17.18 4.38
C MET C 77 23.77 17.38 5.85
N ALA C 78 23.89 16.28 6.59
CA ALA C 78 24.15 16.33 8.03
C ALA C 78 25.63 16.53 8.36
N GLY C 79 26.47 16.60 7.32
CA GLY C 79 27.92 16.72 7.49
C GLY C 79 28.60 15.47 8.03
N VAL C 80 28.03 14.30 7.75
CA VAL C 80 28.63 13.05 8.19
C VAL C 80 29.32 12.36 7.00
N SER C 81 30.58 11.99 7.19
CA SER C 81 31.30 11.28 6.16
C SER C 81 31.27 9.79 6.51
N ILE C 82 31.66 8.96 5.55
CA ILE C 82 31.72 7.52 5.76
C ILE C 82 33.03 7.02 5.20
N LYS C 83 33.72 6.15 5.93
CA LYS C 83 34.96 5.61 5.42
C LYS C 83 34.90 4.11 5.17
N HIS C 84 34.14 3.39 5.99
CA HIS C 84 34.17 1.93 5.97
C HIS C 84 32.76 1.43 5.69
N VAL C 85 32.61 0.79 4.55
CA VAL C 85 31.29 0.34 4.09
C VAL C 85 31.34 -1.16 3.90
N TYR C 86 30.51 -1.86 4.66
CA TYR C 86 30.37 -3.31 4.55
C TYR C 86 28.98 -3.67 4.08
N ALA C 87 28.90 -4.60 3.13
CA ALA C 87 27.58 -4.99 2.56
C ALA C 87 27.40 -6.48 2.61
N SER C 88 26.20 -6.95 2.94
CA SER C 88 25.83 -8.33 2.72
C SER C 88 26.04 -8.67 1.23
N PRO C 89 26.40 -9.93 0.91
CA PRO C 89 26.68 -10.26 -0.50
C PRO C 89 25.44 -10.33 -1.43
N ALA C 90 24.25 -10.24 -0.85
CA ALA C 90 23.03 -10.22 -1.63
C ALA C 90 23.09 -9.01 -2.55
N LEU C 91 22.71 -9.20 -3.81
CA LEU C 91 22.73 -8.12 -4.81
C LEU C 91 22.04 -6.86 -4.33
N ARG C 92 20.85 -7.03 -3.73
CA ARG C 92 20.07 -5.88 -3.21
C ARG C 92 20.87 -5.04 -2.20
N CYS C 93 21.76 -5.69 -1.42
CA CYS C 93 22.54 -4.99 -0.39
C CYS C 93 23.72 -4.25 -1.00
N VAL C 94 24.39 -4.90 -1.96
CA VAL C 94 25.50 -4.27 -2.66
C VAL C 94 25.02 -3.08 -3.49
N GLU C 95 23.89 -3.23 -4.18
CA GLU C 95 23.31 -2.07 -4.89
C GLU C 95 22.87 -0.95 -3.95
N THR C 96 22.28 -1.29 -2.79
CA THR C 96 21.92 -0.26 -1.83
C THR C 96 23.16 0.48 -1.39
N ALA C 97 24.24 -0.25 -1.11
CA ALA C 97 25.53 0.38 -0.78
C ALA C 97 25.98 1.36 -1.88
N GLN C 98 25.87 0.97 -3.15
CA GLN C 98 26.27 1.86 -4.24
C GLN C 98 25.38 3.10 -4.31
N GLY C 99 24.08 2.93 -4.15
CA GLY C 99 23.16 4.09 -4.14
C GLY C 99 23.43 5.04 -2.99
N PHE C 100 23.70 4.46 -1.82
CA PHE C 100 24.09 5.22 -0.64
C PHE C 100 25.36 6.05 -0.95
N LEU C 101 26.41 5.40 -1.46
CA LEU C 101 27.64 6.11 -1.81
C LEU C 101 27.40 7.21 -2.84
N ASP C 102 26.53 6.95 -3.81
CA ASP C 102 26.20 7.94 -4.84
C ASP C 102 25.56 9.18 -4.24
N GLY C 103 24.59 8.98 -3.36
CA GLY C 103 23.91 10.10 -2.66
C GLY C 103 24.86 10.88 -1.79
N LEU C 104 25.76 10.14 -1.15
CA LEU C 104 26.79 10.71 -0.28
C LEU C 104 27.85 11.49 -1.06
N ARG C 105 27.99 11.20 -2.35
CA ARG C 105 29.08 11.77 -3.15
C ARG C 105 30.41 11.41 -2.52
N ALA C 106 30.50 10.15 -2.09
CA ALA C 106 31.72 9.65 -1.47
C ALA C 106 32.82 9.59 -2.52
N ASP C 107 34.04 9.77 -2.05
CA ASP C 107 35.21 9.58 -2.86
C ASP C 107 35.26 8.15 -3.44
N PRO C 108 35.67 8.00 -4.72
CA PRO C 108 35.81 6.67 -5.33
C PRO C 108 36.64 5.67 -4.52
N SER C 109 37.54 6.18 -3.66
CA SER C 109 38.37 5.32 -2.77
C SER C 109 37.57 4.61 -1.65
N VAL C 110 36.35 5.06 -1.40
CA VAL C 110 35.47 4.39 -0.42
C VAL C 110 34.81 3.23 -1.15
N LYS C 111 35.34 2.02 -0.95
CA LYS C 111 34.88 0.84 -1.70
C LYS C 111 33.89 0.04 -0.85
N ILE C 112 33.03 -0.71 -1.51
CA ILE C 112 32.10 -1.59 -0.79
C ILE C 112 32.78 -2.91 -0.48
N LYS C 113 32.85 -3.26 0.81
CA LYS C 113 33.49 -4.48 1.29
C LYS C 113 32.43 -5.57 1.48
N VAL C 114 32.46 -6.61 0.65
CA VAL C 114 31.37 -7.58 0.68
C VAL C 114 31.65 -8.60 1.76
N GLU C 115 30.76 -8.61 2.75
CA GLU C 115 30.96 -9.39 3.97
C GLU C 115 29.88 -10.45 4.17
N PRO C 116 30.18 -11.72 3.86
CA PRO C 116 29.21 -12.78 4.09
C PRO C 116 28.72 -12.88 5.53
N GLY C 117 29.51 -12.38 6.48
CA GLY C 117 29.06 -12.33 7.89
C GLY C 117 27.72 -11.60 8.04
N LEU C 118 27.47 -10.64 7.14
CA LEU C 118 26.23 -9.83 7.18
C LEU C 118 25.01 -10.46 6.46
N PHE C 119 25.18 -11.63 5.82
CA PHE C 119 24.07 -12.21 5.06
C PHE C 119 22.96 -12.63 6.03
N GLU C 120 21.70 -12.62 5.56
CA GLU C 120 20.51 -12.90 6.39
C GLU C 120 20.56 -14.33 6.91
N PHE C 121 19.65 -14.62 7.82
CA PHE C 121 19.54 -15.92 8.45
C PHE C 121 19.20 -16.99 7.40
N LYS C 122 20.02 -18.04 7.35
CA LYS C 122 19.79 -19.20 6.51
C LYS C 122 18.98 -20.27 7.27
N ASN C 123 17.66 -20.13 7.21
CA ASN C 123 16.72 -20.93 8.01
C ASN C 123 16.27 -22.14 7.19
N TRP C 124 16.51 -23.38 7.65
CA TRP C 124 16.16 -24.52 6.79
C TRP C 124 14.64 -24.78 6.67
N HIS C 125 13.85 -24.15 7.53
CA HIS C 125 12.40 -24.08 7.32
C HIS C 125 12.07 -23.29 6.06
N MET C 126 12.99 -22.43 5.65
CA MET C 126 12.80 -21.64 4.44
C MET C 126 14.03 -21.78 3.56
N PRO C 127 14.24 -22.98 2.98
CA PRO C 127 15.43 -23.13 2.17
C PRO C 127 15.25 -22.25 0.93
N LYS C 128 16.28 -21.49 0.63
CA LYS C 128 16.31 -20.66 -0.57
C LYS C 128 17.52 -21.06 -1.36
N GLY C 129 17.42 -20.98 -2.69
CA GLY C 129 18.58 -21.16 -3.56
C GLY C 129 19.48 -19.96 -3.31
N ILE C 130 20.76 -20.21 -3.13
CA ILE C 130 21.73 -19.13 -2.92
C ILE C 130 22.55 -18.96 -4.20
N ASP C 131 22.66 -17.72 -4.68
CA ASP C 131 23.45 -17.44 -5.87
C ASP C 131 23.95 -16.02 -5.70
N PHE C 132 25.26 -15.86 -5.55
CA PHE C 132 25.82 -14.52 -5.43
C PHE C 132 26.62 -14.11 -6.64
N MET C 133 26.57 -12.82 -6.95
CA MET C 133 27.49 -12.28 -7.95
C MET C 133 28.87 -12.13 -7.32
N THR C 134 29.91 -12.53 -8.05
CA THR C 134 31.26 -12.39 -7.54
C THR C 134 31.66 -10.91 -7.55
N PRO C 135 32.65 -10.54 -6.71
CA PRO C 135 33.17 -9.18 -6.76
C PRO C 135 33.52 -8.67 -8.16
N ILE C 136 34.18 -9.49 -8.99
CA ILE C 136 34.45 -9.05 -10.38
C ILE C 136 33.20 -8.83 -11.22
N GLU C 137 32.21 -9.72 -11.08
CA GLU C 137 30.90 -9.53 -11.73
C GLU C 137 30.23 -8.25 -11.26
N LEU C 138 30.34 -7.97 -9.96
CA LEU C 138 29.73 -6.76 -9.37
C LEU C 138 30.43 -5.53 -9.90
N CYS C 139 31.75 -5.59 -9.96
CA CYS C 139 32.52 -4.47 -10.53
C CYS C 139 32.18 -4.21 -11.98
N LYS C 140 31.99 -5.27 -12.76
CA LYS C 140 31.64 -5.11 -14.15
C LYS C 140 30.29 -4.47 -14.29
N ALA C 141 29.43 -4.73 -13.30
CA ALA C 141 28.07 -4.17 -13.20
C ALA C 141 28.04 -2.68 -12.81
N GLY C 142 29.19 -2.13 -12.43
CA GLY C 142 29.25 -0.70 -12.10
C GLY C 142 29.27 -0.40 -10.61
N LEU C 143 29.42 -1.44 -9.79
CA LEU C 143 29.40 -1.30 -8.34
C LEU C 143 30.83 -1.18 -7.82
N ASN C 144 31.06 -0.20 -6.94
CA ASN C 144 32.40 0.11 -6.46
C ASN C 144 32.85 -0.86 -5.37
N VAL C 145 33.01 -2.13 -5.74
CA VAL C 145 33.33 -3.16 -4.77
C VAL C 145 34.84 -3.25 -4.55
N ASP C 146 35.23 -3.47 -3.30
CA ASP C 146 36.63 -3.70 -2.95
C ASP C 146 37.06 -5.12 -3.35
N MET C 147 37.84 -5.18 -4.41
CA MET C 147 38.32 -6.43 -5.01
C MET C 147 39.29 -7.22 -4.13
N THR C 148 40.01 -6.52 -3.27
CA THR C 148 40.99 -7.14 -2.42
C THR C 148 40.51 -7.48 -1.00
N TYR C 149 39.26 -7.14 -0.67
CA TYR C 149 38.75 -7.37 0.68
C TYR C 149 38.69 -8.86 1.00
N LYS C 150 39.23 -9.26 2.15
CA LYS C 150 39.13 -10.64 2.63
C LYS C 150 38.14 -10.62 3.78
N PRO C 151 37.00 -11.33 3.64
CA PRO C 151 35.97 -11.20 4.67
C PRO C 151 36.30 -11.85 6.01
N TYR C 152 35.63 -11.34 7.05
CA TYR C 152 35.73 -11.91 8.38
C TYR C 152 35.09 -13.29 8.51
N VAL C 153 34.07 -13.53 7.68
CA VAL C 153 33.31 -14.78 7.73
C VAL C 153 33.26 -15.33 6.29
N GLU C 154 33.63 -16.61 6.12
CA GLU C 154 33.53 -17.24 4.79
C GLU C 154 32.08 -17.71 4.55
N MET C 155 31.58 -17.52 3.32
CA MET C 155 30.24 -17.98 2.95
C MET C 155 30.22 -19.50 2.81
N ASP C 156 29.10 -20.10 3.22
CA ASP C 156 28.78 -21.47 2.81
C ASP C 156 27.28 -21.46 2.57
N ALA C 157 26.79 -22.50 1.91
CA ALA C 157 25.39 -22.57 1.50
C ALA C 157 24.50 -23.30 2.51
N SER C 158 25.06 -23.70 3.65
CA SER C 158 24.33 -24.50 4.64
C SER C 158 23.37 -23.65 5.47
N ALA C 159 22.19 -24.20 5.79
CA ALA C 159 21.33 -23.63 6.84
C ALA C 159 22.09 -23.57 8.16
N GLU C 160 21.52 -22.88 9.13
CA GLU C 160 22.22 -22.67 10.40
C GLU C 160 21.18 -22.49 11.48
N THR C 161 21.58 -22.65 12.74
CA THR C 161 20.68 -22.38 13.85
C THR C 161 20.63 -20.86 14.01
N MET C 162 19.61 -20.39 14.71
CA MET C 162 19.51 -18.98 15.05
C MET C 162 20.76 -18.49 15.79
N ASP C 163 21.27 -19.29 16.72
CA ASP C 163 22.47 -18.92 17.47
C ASP C 163 23.73 -18.73 16.58
N GLU C 164 23.90 -19.61 15.59
CA GLU C 164 25.03 -19.59 14.65
C GLU C 164 24.95 -18.34 13.80
N PHE C 165 23.74 -18.04 13.36
CA PHE C 165 23.45 -16.83 12.60
C PHE C 165 23.85 -15.58 13.41
N PHE C 166 23.34 -15.45 14.62
CA PHE C 166 23.70 -14.26 15.40
C PHE C 166 25.18 -14.17 15.71
N LYS C 167 25.79 -15.32 15.96
CA LYS C 167 27.24 -15.38 16.22
C LYS C 167 28.07 -14.82 15.06
N ARG C 168 27.77 -15.21 13.83
CA ARG C 168 28.58 -14.75 12.70
C ARG C 168 28.39 -13.27 12.40
N GLY C 169 27.16 -12.77 12.58
CA GLY C 169 26.91 -11.33 12.46
C GLY C 169 27.73 -10.56 13.47
N GLU C 170 27.74 -11.07 14.71
CA GLU C 170 28.47 -10.44 15.80
C GLU C 170 29.98 -10.44 15.54
N VAL C 171 30.51 -11.56 15.09
CA VAL C 171 31.92 -11.68 14.73
C VAL C 171 32.33 -10.63 13.70
N ALA C 172 31.55 -10.53 12.62
CA ALA C 172 31.85 -9.56 11.57
C ALA C 172 31.74 -8.10 12.04
N MET C 173 30.66 -7.77 12.72
CA MET C 173 30.43 -6.39 13.09
C MET C 173 31.49 -5.95 14.12
N GLN C 174 31.73 -6.78 15.13
CA GLN C 174 32.74 -6.41 16.15
C GLN C 174 34.13 -6.30 15.53
N ALA C 175 34.43 -7.18 14.57
CA ALA C 175 35.74 -7.18 13.94
C ALA C 175 35.92 -5.89 13.14
N ALA C 176 34.91 -5.54 12.36
CA ALA C 176 34.93 -4.28 11.62
C ALA C 176 35.15 -3.06 12.52
N VAL C 177 34.38 -2.98 13.60
CA VAL C 177 34.49 -1.90 14.56
C VAL C 177 35.90 -1.90 15.20
N ASN C 178 36.34 -3.06 15.69
CA ASN C 178 37.67 -3.15 16.31
C ASN C 178 38.83 -2.82 15.37
N ASP C 179 38.75 -3.28 14.12
CA ASP C 179 39.80 -3.07 13.15
C ASP C 179 39.90 -1.64 12.63
N THR C 180 38.80 -0.90 12.73
CA THR C 180 38.76 0.48 12.24
C THR C 180 38.93 1.54 13.35
N GLU C 181 39.12 1.08 14.59
CA GLU C 181 39.21 1.98 15.73
C GLU C 181 40.44 2.90 15.66
N LYS C 182 41.57 2.35 15.21
CA LYS C 182 42.82 3.11 15.04
C LYS C 182 42.68 4.25 14.04
N ASP C 183 42.15 3.95 12.85
CA ASP C 183 41.84 4.98 11.84
C ASP C 183 40.75 5.97 12.28
N GLY C 184 39.68 5.46 12.88
CA GLY C 184 38.61 6.30 13.45
C GLY C 184 37.50 6.82 12.51
N GLY C 185 37.41 6.27 11.31
CA GLY C 185 36.36 6.68 10.36
C GLY C 185 35.00 6.08 10.71
N ASN C 186 33.92 6.64 10.16
CA ASN C 186 32.56 6.13 10.45
C ASN C 186 32.31 4.89 9.61
N VAL C 187 31.50 3.99 10.15
CA VAL C 187 31.26 2.65 9.59
C VAL C 187 29.78 2.52 9.25
N ILE C 188 29.45 1.80 8.17
CA ILE C 188 28.08 1.43 7.90
C ILE C 188 28.01 -0.02 7.44
N PHE C 189 27.03 -0.72 7.99
CA PHE C 189 26.71 -2.10 7.60
C PHE C 189 25.43 -2.04 6.74
N ILE C 190 25.53 -2.48 5.50
CA ILE C 190 24.36 -2.41 4.63
C ILE C 190 23.85 -3.83 4.39
N GLY C 191 22.66 -4.11 4.91
CA GLY C 191 22.18 -5.49 4.86
C GLY C 191 20.69 -5.62 4.81
N HIS C 192 20.19 -6.34 5.80
CA HIS C 192 18.81 -6.81 5.82
C HIS C 192 18.05 -6.19 7.00
N ALA C 193 16.76 -6.47 7.11
CA ALA C 193 15.94 -5.92 8.22
C ALA C 193 16.57 -6.16 9.61
N ILE C 194 17.07 -7.37 9.83
CA ILE C 194 17.65 -7.76 11.15
C ILE C 194 19.03 -7.12 11.40
N THR C 195 19.65 -6.57 10.37
CA THR C 195 20.99 -5.97 10.51
C THR C 195 21.02 -4.88 11.59
N LEU C 196 19.92 -4.14 11.73
CA LEU C 196 19.84 -3.03 12.67
C LEU C 196 19.94 -3.55 14.13
N ASP C 197 19.13 -4.55 14.45
CA ASP C 197 19.17 -5.21 15.76
C ASP C 197 20.50 -5.92 15.98
N GLN C 198 21.05 -6.52 14.93
CA GLN C 198 22.37 -7.15 15.05
C GLN C 198 23.44 -6.15 15.47
N MET C 199 23.44 -4.98 14.85
CA MET C 199 24.43 -3.93 15.14
C MET C 199 24.36 -3.49 16.59
N VAL C 200 23.14 -3.26 17.07
CA VAL C 200 22.91 -2.84 18.46
C VAL C 200 23.45 -3.88 19.45
N GLY C 201 23.13 -5.15 19.22
CA GLY C 201 23.60 -6.24 20.08
C GLY C 201 25.10 -6.42 20.04
N ALA C 202 25.69 -6.31 18.85
CA ALA C 202 27.12 -6.53 18.69
C ALA C 202 27.88 -5.42 19.39
N LEU C 203 27.41 -4.20 19.18
CA LEU C 203 28.11 -3.05 19.75
C LEU C 203 27.87 -2.90 21.26
N HIS C 204 26.66 -3.16 21.75
CA HIS C 204 26.45 -3.19 23.19
C HIS C 204 27.39 -4.21 23.87
N ARG C 205 27.56 -5.37 23.24
CA ARG C 205 28.45 -6.42 23.78
C ARG C 205 29.95 -6.07 23.77
N LEU C 206 30.31 -4.97 23.11
CA LEU C 206 31.69 -4.46 23.17
C LEU C 206 31.95 -3.65 24.45
N ARG C 207 30.88 -3.26 25.13
CA ARG C 207 30.96 -2.50 26.39
C ARG C 207 31.36 -3.36 27.59
N ASP C 208 31.86 -2.71 28.65
CA ASP C 208 32.27 -3.42 29.86
C ASP C 208 31.18 -3.40 30.94
N ASP C 209 30.19 -2.54 30.74
CA ASP C 209 29.14 -2.31 31.73
C ASP C 209 27.79 -2.90 31.35
N MET C 210 27.75 -3.67 30.26
CA MET C 210 26.52 -4.33 29.86
C MET C 210 26.71 -5.84 29.90
N GLU C 211 26.61 -6.40 31.11
CA GLU C 211 26.58 -7.84 31.30
C GLU C 211 25.14 -8.36 31.21
N ASP C 212 24.20 -7.41 31.29
CA ASP C 212 22.75 -7.69 31.25
C ASP C 212 22.11 -7.64 29.86
N VAL C 213 22.93 -7.64 28.81
CA VAL C 213 22.43 -7.46 27.43
C VAL C 213 21.41 -8.53 27.09
N GLN C 214 20.29 -8.11 26.51
CA GLN C 214 19.23 -9.02 26.11
C GLN C 214 19.75 -10.01 25.05
N PRO C 215 19.43 -11.30 25.20
CA PRO C 215 19.82 -12.27 24.16
C PRO C 215 19.15 -11.93 22.83
N TYR C 216 19.83 -12.26 21.73
CA TYR C 216 19.31 -12.01 20.39
C TYR C 216 18.03 -12.82 20.15
N GLU C 217 17.05 -12.26 19.43
CA GLU C 217 15.85 -13.03 18.99
C GLU C 217 15.45 -12.62 17.59
N ILE C 218 15.29 -13.60 16.70
CA ILE C 218 14.82 -13.33 15.33
C ILE C 218 13.42 -12.69 15.32
N GLY C 219 12.59 -13.10 16.25
CA GLY C 219 11.21 -12.66 16.27
C GLY C 219 10.89 -11.60 17.30
N ARG C 220 11.88 -10.80 17.69
CA ARG C 220 11.68 -9.78 18.71
C ARG C 220 10.57 -8.80 18.29
N ASN C 221 10.52 -8.50 17.00
CA ASN C 221 9.46 -7.64 16.46
C ASN C 221 8.65 -8.39 15.42
N LEU C 222 7.40 -7.99 15.27
CA LEU C 222 6.49 -8.69 14.36
C LEU C 222 6.71 -8.31 12.90
N LEU C 223 7.13 -7.07 12.65
CA LEU C 223 7.30 -6.55 11.29
C LEU C 223 8.73 -6.19 11.03
N LYS C 224 9.16 -6.30 9.79
CA LYS C 224 10.49 -5.84 9.40
C LYS C 224 10.54 -4.32 9.41
N VAL C 225 11.69 -3.77 9.75
CA VAL C 225 11.92 -2.34 9.53
C VAL C 225 11.75 -2.01 8.02
N PRO C 226 11.34 -0.78 7.72
CA PRO C 226 11.03 -0.42 6.34
C PRO C 226 12.26 -0.45 5.44
N TYR C 227 12.04 -0.38 4.13
CA TYR C 227 13.17 -0.35 3.22
C TYR C 227 14.04 0.86 3.55
N CYS C 228 15.37 0.65 3.57
CA CYS C 228 16.34 1.70 3.86
C CYS C 228 16.15 2.34 5.25
N ALA C 229 15.58 1.59 6.19
CA ALA C 229 15.57 2.02 7.59
C ALA C 229 17.02 2.16 8.03
N LEU C 230 17.32 3.21 8.79
CA LEU C 230 18.67 3.50 9.19
C LEU C 230 18.71 3.56 10.71
N GLY C 231 19.61 2.76 11.29
CA GLY C 231 19.89 2.78 12.73
C GLY C 231 21.27 3.34 12.96
N ALA C 232 21.49 3.99 14.11
CA ALA C 232 22.76 4.70 14.35
C ALA C 232 23.24 4.45 15.75
N MET C 233 24.55 4.31 15.88
CA MET C 233 25.20 4.27 17.18
C MET C 233 26.37 5.22 17.16
N ARG C 234 26.65 5.82 18.31
CA ARG C 234 27.81 6.67 18.44
C ARG C 234 28.59 6.18 19.65
N GLY C 235 29.91 6.19 19.51
CA GLY C 235 30.81 5.87 20.62
C GLY C 235 32.27 5.97 20.28
N LYS C 236 33.13 5.43 21.13
CA LYS C 236 32.71 4.71 22.34
C LYS C 236 32.44 5.64 23.55
N PRO C 237 31.68 5.15 24.57
CA PRO C 237 31.06 3.81 24.61
C PRO C 237 29.85 3.82 23.68
N TRP C 238 29.45 2.64 23.20
CA TRP C 238 28.47 2.53 22.14
C TRP C 238 27.05 2.65 22.65
N ASP C 239 26.35 3.67 22.17
CA ASP C 239 24.96 3.92 22.54
C ASP C 239 24.10 4.18 21.31
N VAL C 240 22.86 3.70 21.37
CA VAL C 240 21.86 3.91 20.31
C VAL C 240 21.44 5.36 20.35
N VAL C 241 21.54 6.04 19.21
CA VAL C 241 21.24 7.47 19.15
C VAL C 241 20.36 7.76 17.93
N SER C 242 19.72 8.93 17.92
CA SER C 242 19.01 9.42 16.75
C SER C 242 19.99 9.47 15.58
N PRO C 243 19.62 8.86 14.43
CA PRO C 243 20.42 9.05 13.23
C PRO C 243 20.49 10.53 12.86
N PRO C 244 21.55 10.93 12.13
CA PRO C 244 21.75 12.32 11.73
C PRO C 244 20.83 12.83 10.62
N CYS C 245 20.09 11.94 9.97
CA CYS C 245 19.14 12.37 8.94
C CYS C 245 17.77 11.75 9.21
N PRO C 246 16.72 12.35 8.63
CA PRO C 246 15.37 11.93 8.97
C PRO C 246 15.00 10.56 8.38
N PRO C 247 13.91 9.93 8.89
CA PRO C 247 13.41 8.71 8.26
C PRO C 247 12.67 9.08 6.98
N SER C 248 11.96 8.12 6.39
CA SER C 248 11.33 8.28 5.09
C SER C 248 10.05 7.47 4.96
N ILE C 249 9.08 7.95 4.17
CA ILE C 249 7.89 7.17 3.86
C ILE C 249 7.47 7.48 2.45
N ASN C 250 7.03 6.45 1.72
CA ASN C 250 6.45 6.67 0.41
C ASN C 250 5.26 5.76 0.23
N SER C 251 4.35 6.19 -0.64
CA SER C 251 3.18 5.37 -0.93
C SER C 251 3.40 4.53 -2.21
N SER C 252 2.43 3.68 -2.49
CA SER C 252 2.51 2.82 -3.65
C SER C 252 1.89 3.53 -4.87
N SER C 253 2.08 2.94 -6.04
CA SER C 253 1.46 3.44 -7.29
C SER C 253 1.41 2.23 -8.24
N GLY C 254 0.22 1.95 -8.75
CA GLY C 254 0.02 0.79 -9.57
C GLY C 254 0.32 1.07 -11.03
N ARG C 255 0.16 0.04 -11.85
CA ARG C 255 0.54 0.08 -13.26
C ARG C 255 -0.65 0.53 -14.11
N PHE C 256 -0.44 1.50 -15.00
CA PHE C 256 -1.50 1.96 -15.89
C PHE C 256 -1.58 1.08 -17.15
N ASP C 257 -2.80 0.75 -17.59
CA ASP C 257 -3.00 0.03 -18.86
C ASP C 257 -3.66 1.02 -19.78
N TRP C 258 -2.91 1.56 -20.73
CA TRP C 258 -3.40 2.62 -21.63
C TRP C 258 -4.64 2.18 -22.42
N ARG C 259 -4.83 0.87 -22.59
CA ARG C 259 -6.00 0.35 -23.29
C ARG C 259 -7.35 0.72 -22.65
N ILE C 260 -7.36 1.11 -21.38
CA ILE C 260 -8.63 1.54 -20.80
C ILE C 260 -9.11 2.86 -21.44
N LEU C 261 -8.21 3.52 -22.17
CA LEU C 261 -8.55 4.78 -22.85
C LEU C 261 -9.44 4.59 -24.08
N ILE C 262 -9.57 3.33 -24.53
CA ILE C 262 -10.45 2.94 -25.65
C ILE C 262 -11.89 2.64 -25.17
N ARG D 4 3.66 11.45 -38.27
CA ARG D 4 2.69 12.29 -37.50
C ARG D 4 3.10 12.56 -36.06
N ARG D 5 2.46 13.56 -35.47
CA ARG D 5 2.93 14.04 -34.20
C ARG D 5 2.17 13.40 -33.05
N TRP D 6 2.77 13.51 -31.88
CA TRP D 6 2.22 12.91 -30.68
C TRP D 6 1.58 13.97 -29.81
N VAL D 7 0.50 13.59 -29.14
CA VAL D 7 -0.07 14.41 -28.07
C VAL D 7 -0.19 13.48 -26.88
N PHE D 8 0.33 13.94 -25.73
CA PHE D 8 0.36 13.12 -24.53
C PHE D 8 -0.45 13.77 -23.41
N ALA D 9 -0.89 12.93 -22.47
CA ALA D 9 -1.47 13.40 -21.22
C ALA D 9 -0.84 12.63 -20.09
N LEU D 10 -0.56 13.34 -19.01
CA LEU D 10 0.20 12.77 -17.92
C LEU D 10 -0.43 13.19 -16.58
N ARG D 11 -0.75 12.24 -15.71
CA ARG D 11 -1.22 12.59 -14.38
C ARG D 11 -0.01 13.05 -13.54
N HIS D 12 -0.20 13.98 -12.61
CA HIS D 12 0.85 14.34 -11.69
C HIS D 12 1.39 13.12 -10.89
N GLY D 13 2.58 13.30 -10.31
CA GLY D 13 3.22 12.29 -9.45
C GLY D 13 2.67 12.33 -8.01
N GLU D 14 3.27 11.52 -7.15
CA GLU D 14 2.81 11.30 -5.78
C GLU D 14 2.76 12.61 -5.01
N ARG D 15 1.64 12.84 -4.31
CA ARG D 15 1.35 14.06 -3.59
C ARG D 15 1.77 14.01 -2.13
N VAL D 16 2.38 15.08 -1.63
CA VAL D 16 2.69 15.19 -0.20
C VAL D 16 1.42 14.98 0.65
N ASP D 17 0.33 15.68 0.31
CA ASP D 17 -0.88 15.66 1.16
C ASP D 17 -1.51 14.30 1.28
N LEU D 18 -1.33 13.46 0.27
CA LEU D 18 -1.92 12.11 0.33
C LEU D 18 -0.99 11.08 0.96
N THR D 19 0.28 11.42 1.06
CA THR D 19 1.29 10.49 1.54
C THR D 19 1.53 10.69 3.05
N TYR D 20 1.34 11.93 3.52
CA TYR D 20 1.59 12.32 4.92
C TYR D 20 0.28 12.76 5.60
N GLY D 21 0.33 13.01 6.91
CA GLY D 21 -0.82 13.53 7.63
C GLY D 21 -0.77 15.05 7.67
N PRO D 22 -0.79 15.66 8.89
CA PRO D 22 -0.79 17.14 9.00
C PRO D 22 0.62 17.71 8.84
N TRP D 23 1.13 17.65 7.62
CA TRP D 23 2.55 17.90 7.39
C TRP D 23 2.91 19.38 7.47
N VAL D 24 1.96 20.27 7.17
CA VAL D 24 2.28 21.71 7.16
C VAL D 24 2.53 22.15 8.61
N PRO D 25 1.56 21.92 9.52
CA PRO D 25 1.82 22.31 10.91
C PRO D 25 3.00 21.54 11.50
N HIS D 26 3.20 20.30 11.09
CA HIS D 26 4.32 19.53 11.62
C HIS D 26 5.66 20.10 11.15
N CYS D 27 5.78 20.43 9.87
CA CYS D 27 7.07 20.83 9.29
C CYS D 27 7.44 22.29 9.47
N PHE D 28 6.45 23.18 9.50
CA PHE D 28 6.74 24.59 9.74
C PHE D 28 6.96 24.88 11.20
N GLU D 29 8.13 25.43 11.50
CA GLU D 29 8.44 25.95 12.83
C GLU D 29 8.45 27.46 12.67
N ASN D 30 7.49 28.12 13.32
CA ASN D 30 7.09 29.48 12.99
C ASN D 30 6.69 29.58 11.52
N ASP D 31 7.33 30.47 10.76
CA ASP D 31 7.01 30.59 9.35
C ASP D 31 8.01 29.84 8.48
N THR D 32 8.89 29.05 9.09
CA THR D 32 9.98 28.42 8.34
C THR D 32 9.83 26.90 8.16
N TYR D 33 9.88 26.46 6.91
CA TYR D 33 9.76 25.03 6.60
C TYR D 33 11.03 24.30 7.01
N VAL D 34 10.85 23.14 7.64
CA VAL D 34 11.95 22.27 7.96
C VAL D 34 11.59 20.88 7.42
N ARG D 35 12.49 20.26 6.67
CA ARG D 35 12.19 18.94 6.09
C ARG D 35 12.28 17.89 7.21
N LYS D 36 11.18 17.15 7.45
CA LYS D 36 11.12 16.17 8.55
C LYS D 36 11.15 14.71 8.08
N ASP D 37 11.28 14.50 6.77
CA ASP D 37 11.24 13.15 6.18
C ASP D 37 11.99 13.21 4.87
N LEU D 38 12.70 12.15 4.52
CA LEU D 38 13.49 12.13 3.28
C LEU D 38 12.66 12.26 2.01
N ASN D 39 11.37 11.91 2.10
CA ASN D 39 10.52 11.98 0.91
C ASN D 39 9.76 13.32 0.77
N LEU D 40 10.03 14.25 1.68
CA LEU D 40 9.47 15.60 1.65
C LEU D 40 10.41 16.50 0.86
N PRO D 41 9.88 17.59 0.31
CA PRO D 41 10.76 18.52 -0.44
C PRO D 41 11.93 19.03 0.43
N LEU D 42 13.08 19.29 -0.18
CA LEU D 42 14.24 19.83 0.54
C LEU D 42 13.92 21.21 1.07
N LYS D 43 13.15 21.95 0.29
CA LYS D 43 12.74 23.29 0.69
C LYS D 43 11.43 23.67 0.03
N LEU D 44 10.83 24.77 0.51
CA LEU D 44 9.59 25.25 -0.07
C LEU D 44 9.71 26.74 -0.40
N ALA D 45 9.37 27.06 -1.63
CA ALA D 45 9.42 28.44 -2.10
C ALA D 45 8.40 29.29 -1.36
N HIS D 46 8.69 30.59 -1.26
CA HIS D 46 7.71 31.52 -0.76
C HIS D 46 6.49 31.53 -1.66
N ARG D 47 5.33 31.71 -1.05
CA ARG D 47 4.13 31.98 -1.81
C ARG D 47 3.23 32.94 -1.05
N ALA D 48 2.44 33.72 -1.79
CA ALA D 48 1.54 34.71 -1.21
C ALA D 48 0.63 34.15 -0.13
N GLY D 49 0.12 32.94 -0.37
CA GLY D 49 -0.80 32.29 0.58
C GLY D 49 -0.17 31.70 1.83
N GLY D 50 1.16 31.72 1.91
CA GLY D 50 1.88 31.21 3.04
C GLY D 50 1.72 29.70 3.23
N LYS D 51 1.87 29.26 4.48
CA LYS D 51 1.64 27.85 4.89
C LYS D 51 0.29 27.36 4.38
N GLY D 52 -0.75 28.18 4.58
CA GLY D 52 -2.12 27.84 4.15
C GLY D 52 -2.23 27.50 2.67
N GLY D 53 -1.44 28.18 1.85
CA GLY D 53 -1.39 27.93 0.41
C GLY D 53 -0.94 26.50 0.15
N TYR D 54 0.08 26.06 0.90
CA TYR D 54 0.58 24.69 0.77
C TYR D 54 -0.41 23.64 1.30
N VAL D 55 -1.22 24.00 2.29
CA VAL D 55 -2.26 23.10 2.76
C VAL D 55 -3.26 22.86 1.60
N LYS D 56 -3.60 23.94 0.88
CA LYS D 56 -4.56 23.89 -0.23
C LYS D 56 -4.00 23.42 -1.57
N ASP D 57 -2.67 23.46 -1.73
CA ASP D 57 -2.03 23.23 -3.03
C ASP D 57 -0.73 22.47 -2.78
N THR D 58 -0.87 21.17 -2.58
CA THR D 58 0.25 20.33 -2.14
C THR D 58 1.40 20.30 -3.14
N PRO D 59 2.64 20.22 -2.65
CA PRO D 59 3.79 19.89 -3.52
C PRO D 59 3.80 18.38 -3.85
N LEU D 60 4.64 17.99 -4.81
CA LEU D 60 4.98 16.59 -4.96
C LEU D 60 5.96 16.17 -3.86
N THR D 61 5.94 14.87 -3.57
CA THR D 61 7.00 14.25 -2.76
C THR D 61 8.26 14.12 -3.62
N ARG D 62 9.40 13.72 -3.00
CA ARG D 62 10.62 13.43 -3.79
C ARG D 62 10.31 12.31 -4.78
N LEU D 63 9.61 11.27 -4.30
CA LEU D 63 9.20 10.20 -5.21
C LEU D 63 8.33 10.70 -6.37
N GLY D 64 7.42 11.61 -6.10
CA GLY D 64 6.63 12.24 -7.18
C GLY D 64 7.48 12.83 -8.30
N TRP D 65 8.49 13.63 -7.93
CA TRP D 65 9.48 14.11 -8.90
C TRP D 65 10.16 12.96 -9.65
N PHE D 66 10.58 11.95 -8.91
CA PHE D 66 11.25 10.78 -9.50
C PHE D 66 10.35 10.03 -10.52
N GLN D 67 9.07 9.85 -10.21
CA GLN D 67 8.13 9.21 -11.14
C GLN D 67 8.02 10.03 -12.43
N ALA D 68 7.94 11.34 -12.29
CA ALA D 68 7.86 12.25 -13.46
C ALA D 68 9.15 12.16 -14.29
N GLN D 69 10.28 12.14 -13.60
CA GLN D 69 11.61 12.02 -14.27
C GLN D 69 11.73 10.71 -15.03
N LEU D 70 11.20 9.63 -14.48
CA LEU D 70 11.26 8.32 -15.16
C LEU D 70 10.50 8.32 -16.48
N VAL D 71 9.36 9.02 -16.50
CA VAL D 71 8.56 9.15 -17.70
C VAL D 71 9.35 9.98 -18.72
N GLY D 72 9.96 11.08 -18.26
CA GLY D 72 10.78 11.95 -19.14
C GLY D 72 11.92 11.16 -19.75
N GLU D 73 12.59 10.37 -18.93
CA GLU D 73 13.71 9.52 -19.37
C GLU D 73 13.24 8.47 -20.39
N GLY D 74 12.10 7.83 -20.11
CA GLY D 74 11.52 6.85 -21.02
C GLY D 74 11.24 7.42 -22.41
N MET D 75 10.70 8.63 -22.46
CA MET D 75 10.43 9.36 -23.69
C MET D 75 11.71 9.64 -24.45
N ARG D 76 12.69 10.18 -23.73
CA ARG D 76 14.02 10.39 -24.28
C ARG D 76 14.62 9.09 -24.86
N MET D 77 14.54 8.00 -24.11
CA MET D 77 15.06 6.71 -24.59
C MET D 77 14.36 6.21 -25.85
N ALA D 78 13.08 6.54 -25.99
CA ALA D 78 12.31 6.18 -27.21
C ALA D 78 12.56 7.13 -28.37
N GLY D 79 13.37 8.16 -28.14
CA GLY D 79 13.69 9.15 -29.18
C GLY D 79 12.55 10.10 -29.51
N VAL D 80 11.65 10.32 -28.56
CA VAL D 80 10.54 11.26 -28.76
C VAL D 80 10.84 12.62 -28.13
N SER D 81 10.70 13.69 -28.91
CA SER D 81 10.95 15.05 -28.38
C SER D 81 9.65 15.65 -27.91
N ILE D 82 9.74 16.74 -27.13
CA ILE D 82 8.55 17.53 -26.79
C ILE D 82 8.83 19.02 -27.05
N LYS D 83 7.83 19.72 -27.55
CA LYS D 83 7.97 21.15 -27.78
C LYS D 83 6.95 22.01 -27.02
N HIS D 84 5.75 21.47 -26.81
CA HIS D 84 4.62 22.24 -26.31
C HIS D 84 4.12 21.60 -25.03
N VAL D 85 4.34 22.29 -23.91
CA VAL D 85 4.08 21.70 -22.57
C VAL D 85 3.08 22.59 -21.85
N TYR D 86 1.92 22.02 -21.53
CA TYR D 86 0.87 22.72 -20.81
C TYR D 86 0.62 21.99 -19.53
N ALA D 87 0.55 22.74 -18.42
CA ALA D 87 0.27 22.16 -17.10
C ALA D 87 -0.93 22.82 -16.43
N SER D 88 -1.68 22.03 -15.68
CA SER D 88 -2.68 22.56 -14.80
C SER D 88 -1.97 23.48 -13.81
N PRO D 89 -2.67 24.52 -13.34
CA PRO D 89 -2.03 25.47 -12.40
C PRO D 89 -1.75 24.91 -10.99
N ALA D 90 -2.27 23.72 -10.67
CA ALA D 90 -1.96 23.05 -9.40
C ALA D 90 -0.45 22.82 -9.31
N LEU D 91 0.12 23.15 -8.16
CA LEU D 91 1.56 22.98 -7.99
C LEU D 91 2.01 21.56 -8.33
N ARG D 92 1.26 20.55 -7.92
CA ARG D 92 1.66 19.17 -8.23
C ARG D 92 1.82 18.93 -9.74
N CYS D 93 1.05 19.65 -10.56
CA CYS D 93 1.08 19.46 -12.01
C CYS D 93 2.28 20.20 -12.59
N VAL D 94 2.52 21.42 -12.12
CA VAL D 94 3.69 22.19 -12.56
C VAL D 94 4.98 21.48 -12.22
N GLU D 95 5.07 20.94 -10.99
CA GLU D 95 6.27 20.18 -10.61
C GLU D 95 6.44 18.90 -11.39
N THR D 96 5.32 18.22 -11.69
CA THR D 96 5.39 17.03 -12.58
C THR D 96 5.95 17.41 -13.95
N ALA D 97 5.44 18.49 -14.51
CA ALA D 97 5.95 18.99 -15.78
C ALA D 97 7.45 19.23 -15.72
N GLN D 98 7.92 19.84 -14.63
CA GLN D 98 9.36 20.06 -14.50
C GLN D 98 10.17 18.78 -14.38
N GLY D 99 9.71 17.85 -13.54
CA GLY D 99 10.41 16.56 -13.37
C GLY D 99 10.48 15.83 -14.72
N PHE D 100 9.39 15.93 -15.45
CA PHE D 100 9.28 15.31 -16.78
C PHE D 100 10.31 15.91 -17.76
N LEU D 101 10.36 17.23 -17.79
CA LEU D 101 11.33 17.95 -18.64
C LEU D 101 12.78 17.66 -18.20
N ASP D 102 12.99 17.51 -16.90
CA ASP D 102 14.30 17.13 -16.39
C ASP D 102 14.75 15.75 -16.93
N GLY D 103 13.82 14.78 -16.94
CA GLY D 103 14.14 13.42 -17.38
C GLY D 103 14.33 13.36 -18.87
N LEU D 104 13.53 14.17 -19.58
CA LEU D 104 13.61 14.26 -21.05
C LEU D 104 14.88 14.98 -21.50
N ARG D 105 15.48 15.77 -20.59
CA ARG D 105 16.58 16.69 -20.90
C ARG D 105 16.19 17.63 -22.04
N ALA D 106 14.96 18.13 -21.97
CA ALA D 106 14.48 19.09 -22.94
C ALA D 106 15.32 20.36 -22.91
N ASP D 107 15.40 21.04 -24.05
CA ASP D 107 16.03 22.35 -24.13
C ASP D 107 15.36 23.30 -23.13
N PRO D 108 16.15 24.10 -22.36
CA PRO D 108 15.53 25.02 -21.40
C PRO D 108 14.62 26.09 -22.01
N SER D 109 14.68 26.26 -23.33
CA SER D 109 13.72 27.15 -23.99
C SER D 109 12.28 26.55 -24.06
N VAL D 110 12.16 25.24 -23.78
CA VAL D 110 10.82 24.60 -23.72
C VAL D 110 10.23 24.94 -22.35
N LYS D 111 9.25 25.84 -22.33
CA LYS D 111 8.68 26.34 -21.06
C LYS D 111 7.41 25.60 -20.69
N ILE D 112 7.09 25.58 -19.40
CA ILE D 112 5.84 25.03 -18.96
C ILE D 112 4.80 26.16 -19.03
N LYS D 113 3.77 25.96 -19.85
CA LYS D 113 2.68 26.93 -20.04
C LYS D 113 1.55 26.58 -19.06
N VAL D 114 1.38 27.42 -18.05
CA VAL D 114 0.33 27.19 -17.04
C VAL D 114 -1.05 27.55 -17.59
N GLU D 115 -1.90 26.53 -17.65
CA GLU D 115 -3.19 26.63 -18.33
C GLU D 115 -4.33 26.22 -17.41
N PRO D 116 -5.06 27.20 -16.83
CA PRO D 116 -6.20 26.91 -15.95
C PRO D 116 -7.26 26.07 -16.63
N GLY D 117 -7.30 26.09 -17.96
CA GLY D 117 -8.21 25.21 -18.69
C GLY D 117 -8.06 23.75 -18.29
N LEU D 118 -6.84 23.40 -17.86
CA LEU D 118 -6.51 22.02 -17.50
C LEU D 118 -6.84 21.60 -16.07
N PHE D 119 -7.21 22.57 -15.24
CA PHE D 119 -7.48 22.29 -13.82
C PHE D 119 -8.65 21.31 -13.66
N GLU D 120 -8.61 20.55 -12.56
CA GLU D 120 -9.60 19.53 -12.23
C GLU D 120 -10.98 20.16 -12.06
N PHE D 121 -11.97 19.30 -11.96
CA PHE D 121 -13.37 19.69 -11.78
C PHE D 121 -13.54 20.41 -10.44
N LYS D 122 -14.16 21.59 -10.49
CA LYS D 122 -14.50 22.33 -9.30
C LYS D 122 -15.93 21.96 -8.94
N ASN D 123 -16.06 20.87 -8.20
CA ASN D 123 -17.34 20.17 -8.00
C ASN D 123 -18.14 20.87 -6.91
N TRP D 124 -19.37 21.28 -7.24
CA TRP D 124 -20.26 21.90 -6.26
C TRP D 124 -20.38 21.01 -5.03
N HIS D 125 -20.35 19.69 -5.23
CA HIS D 125 -20.58 18.73 -4.14
C HIS D 125 -19.34 18.45 -3.30
N MET D 126 -18.18 18.93 -3.77
CA MET D 126 -16.88 18.70 -3.12
C MET D 126 -16.12 20.03 -3.14
N PRO D 127 -16.57 21.03 -2.36
CA PRO D 127 -15.87 22.32 -2.42
C PRO D 127 -14.46 22.25 -1.81
N LYS D 128 -13.52 22.93 -2.47
CA LYS D 128 -12.13 22.97 -2.00
C LYS D 128 -11.65 24.41 -2.00
N GLY D 129 -10.75 24.74 -1.07
CA GLY D 129 -10.02 26.00 -1.16
C GLY D 129 -9.12 25.92 -2.38
N ILE D 130 -9.06 26.99 -3.14
CA ILE D 130 -8.15 27.07 -4.29
C ILE D 130 -7.13 28.17 -4.07
N ASP D 131 -5.85 27.83 -4.24
CA ASP D 131 -4.78 28.79 -4.07
C ASP D 131 -3.68 28.37 -5.04
N PHE D 132 -3.40 29.20 -6.04
CA PHE D 132 -2.37 28.87 -7.04
C PHE D 132 -1.15 29.78 -6.89
N MET D 133 0.04 29.24 -7.13
CA MET D 133 1.24 30.06 -7.19
C MET D 133 1.26 30.79 -8.52
N THR D 134 1.72 32.03 -8.52
CA THR D 134 1.80 32.78 -9.77
C THR D 134 3.00 32.31 -10.61
N PRO D 135 2.98 32.59 -11.94
CA PRO D 135 4.13 32.18 -12.76
C PRO D 135 5.47 32.71 -12.21
N ILE D 136 5.49 33.95 -11.69
CA ILE D 136 6.73 34.47 -11.10
C ILE D 136 7.15 33.71 -9.80
N GLU D 137 6.19 33.41 -8.94
CA GLU D 137 6.44 32.59 -7.75
C GLU D 137 6.96 31.20 -8.13
N LEU D 138 6.39 30.61 -9.16
CA LEU D 138 6.84 29.31 -9.63
C LEU D 138 8.26 29.38 -10.20
N CYS D 139 8.56 30.44 -10.95
CA CYS D 139 9.93 30.58 -11.49
C CYS D 139 10.94 30.76 -10.38
N LYS D 140 10.56 31.53 -9.35
CA LYS D 140 11.44 31.79 -8.20
C LYS D 140 11.80 30.50 -7.50
N ALA D 141 10.84 29.59 -7.48
CA ALA D 141 11.01 28.25 -6.94
C ALA D 141 11.93 27.35 -7.80
N GLY D 142 12.30 27.82 -8.98
CA GLY D 142 13.15 27.04 -9.90
C GLY D 142 12.43 26.28 -11.00
N LEU D 143 11.13 26.52 -11.14
CA LEU D 143 10.35 25.82 -12.20
C LEU D 143 10.38 26.60 -13.52
N ASN D 144 10.52 25.90 -14.65
CA ASN D 144 10.73 26.58 -15.94
C ASN D 144 9.43 27.04 -16.58
N VAL D 145 8.74 27.95 -15.91
CA VAL D 145 7.40 28.35 -16.31
C VAL D 145 7.45 29.57 -17.28
N ASP D 146 6.61 29.51 -18.29
CA ASP D 146 6.45 30.59 -19.26
C ASP D 146 5.78 31.79 -18.62
N MET D 147 6.53 32.88 -18.55
CA MET D 147 6.11 34.11 -17.91
C MET D 147 5.34 35.05 -18.80
N THR D 148 5.24 34.74 -20.09
CA THR D 148 4.51 35.59 -21.02
C THR D 148 3.28 34.88 -21.62
N TYR D 149 3.11 33.60 -21.27
CA TYR D 149 2.00 32.80 -21.80
C TYR D 149 0.66 33.41 -21.45
N LYS D 150 -0.22 33.53 -22.45
CA LYS D 150 -1.58 34.01 -22.17
C LYS D 150 -2.55 32.83 -22.31
N PRO D 151 -3.17 32.41 -21.19
CA PRO D 151 -3.92 31.16 -21.24
C PRO D 151 -5.16 31.17 -22.13
N TYR D 152 -5.59 29.99 -22.56
CA TYR D 152 -6.85 29.88 -23.31
C TYR D 152 -8.09 30.09 -22.46
N VAL D 153 -7.97 29.76 -21.18
CA VAL D 153 -9.10 29.79 -20.27
C VAL D 153 -8.77 30.57 -19.02
N GLU D 154 -9.67 31.48 -18.69
CA GLU D 154 -9.70 32.18 -17.39
C GLU D 154 -10.70 31.44 -16.47
N MET D 155 -10.26 31.10 -15.26
CA MET D 155 -11.06 30.35 -14.30
C MET D 155 -11.19 31.10 -12.97
N ASP D 156 -12.42 31.25 -12.45
CA ASP D 156 -12.59 31.77 -11.08
C ASP D 156 -12.44 30.67 -10.00
N ALA D 157 -12.62 31.06 -8.74
CA ALA D 157 -12.46 30.16 -7.60
C ALA D 157 -13.72 29.36 -7.26
N SER D 158 -14.79 29.54 -8.02
CA SER D 158 -16.09 28.93 -7.67
C SER D 158 -16.41 27.61 -8.39
N ALA D 159 -17.36 26.88 -7.83
CA ALA D 159 -17.91 25.66 -8.44
C ALA D 159 -18.35 25.90 -9.88
N GLU D 160 -18.40 24.82 -10.64
CA GLU D 160 -18.83 24.88 -12.02
C GLU D 160 -19.72 23.69 -12.33
N THR D 161 -20.48 23.73 -13.42
CA THR D 161 -21.25 22.54 -13.81
C THR D 161 -20.26 21.55 -14.40
N MET D 162 -20.60 20.27 -14.35
CA MET D 162 -19.80 19.26 -15.02
C MET D 162 -19.63 19.63 -16.51
N ASP D 163 -20.68 20.16 -17.14
CA ASP D 163 -20.61 20.63 -18.54
C ASP D 163 -19.58 21.77 -18.75
N GLU D 164 -19.61 22.75 -17.85
CA GLU D 164 -18.66 23.88 -17.88
C GLU D 164 -17.22 23.37 -17.69
N PHE D 165 -17.04 22.37 -16.81
CA PHE D 165 -15.72 21.75 -16.61
C PHE D 165 -15.21 21.11 -17.89
N PHE D 166 -16.02 20.28 -18.53
CA PHE D 166 -15.54 19.63 -19.75
C PHE D 166 -15.33 20.59 -20.90
N LYS D 167 -16.13 21.65 -20.98
CA LYS D 167 -15.97 22.65 -22.05
C LYS D 167 -14.62 23.36 -21.92
N ARG D 168 -14.29 23.70 -20.69
CA ARG D 168 -13.04 24.32 -20.27
C ARG D 168 -11.79 23.54 -20.78
N GLY D 169 -11.80 22.23 -20.52
CA GLY D 169 -10.69 21.37 -20.91
C GLY D 169 -10.63 21.16 -22.41
N GLU D 170 -11.80 21.01 -23.04
CA GLU D 170 -11.89 20.84 -24.48
C GLU D 170 -11.37 22.10 -25.21
N VAL D 171 -11.83 23.28 -24.77
CA VAL D 171 -11.36 24.55 -25.35
C VAL D 171 -9.83 24.62 -25.32
N ALA D 172 -9.26 24.41 -24.13
CA ALA D 172 -7.81 24.51 -23.95
C ALA D 172 -7.05 23.46 -24.73
N MET D 173 -7.53 22.21 -24.72
CA MET D 173 -6.81 21.13 -25.41
C MET D 173 -6.90 21.28 -26.92
N GLN D 174 -8.09 21.55 -27.42
CA GLN D 174 -8.27 21.74 -28.86
C GLN D 174 -7.51 22.96 -29.39
N ALA D 175 -7.49 24.03 -28.61
CA ALA D 175 -6.77 25.24 -29.01
C ALA D 175 -5.27 25.02 -29.03
N ALA D 176 -4.75 24.31 -28.02
CA ALA D 176 -3.35 23.94 -27.98
C ALA D 176 -2.97 23.11 -29.24
N VAL D 177 -3.77 22.09 -29.57
CA VAL D 177 -3.51 21.28 -30.76
C VAL D 177 -3.64 22.11 -32.07
N ASN D 178 -4.71 22.87 -32.19
CA ASN D 178 -4.93 23.69 -33.40
C ASN D 178 -3.84 24.74 -33.63
N ASP D 179 -3.42 25.41 -32.56
CA ASP D 179 -2.44 26.50 -32.68
C ASP D 179 -1.03 26.02 -32.99
N THR D 180 -0.73 24.76 -32.68
CA THR D 180 0.61 24.20 -32.88
C THR D 180 0.68 23.33 -34.13
N GLU D 181 -0.42 23.24 -34.87
CA GLU D 181 -0.44 22.43 -36.08
C GLU D 181 0.62 22.87 -37.10
N LYS D 182 0.77 24.19 -37.32
CA LYS D 182 1.81 24.74 -38.22
C LYS D 182 3.24 24.31 -37.88
N ASP D 183 3.69 24.68 -36.69
CA ASP D 183 5.00 24.29 -36.14
C ASP D 183 5.20 22.76 -36.13
N GLY D 184 4.14 22.04 -35.74
CA GLY D 184 4.12 20.57 -35.72
C GLY D 184 4.92 19.80 -34.66
N GLY D 185 5.28 20.46 -33.57
CA GLY D 185 5.94 19.75 -32.46
C GLY D 185 4.97 18.91 -31.63
N ASN D 186 5.52 17.97 -30.88
CA ASN D 186 4.72 17.13 -30.01
C ASN D 186 4.24 17.94 -28.79
N VAL D 187 3.09 17.56 -28.24
CA VAL D 187 2.43 18.32 -27.18
C VAL D 187 2.23 17.41 -25.96
N ILE D 188 2.36 17.97 -24.77
CA ILE D 188 1.96 17.23 -23.57
C ILE D 188 1.08 18.08 -22.68
N PHE D 189 0.00 17.47 -22.17
CA PHE D 189 -0.84 18.08 -21.14
C PHE D 189 -0.51 17.40 -19.82
N ILE D 190 -0.07 18.18 -18.85
CA ILE D 190 0.26 17.60 -17.54
C ILE D 190 -0.78 18.06 -16.54
N GLY D 191 -1.49 17.09 -15.99
CA GLY D 191 -2.67 17.45 -15.19
C GLY D 191 -3.05 16.39 -14.17
N HIS D 192 -4.31 16.00 -14.27
CA HIS D 192 -4.97 15.27 -13.24
C HIS D 192 -5.39 13.91 -13.79
N ALA D 193 -5.95 13.05 -12.93
CA ALA D 193 -6.37 11.72 -13.37
C ALA D 193 -7.31 11.80 -14.57
N ILE D 194 -8.20 12.79 -14.58
CA ILE D 194 -9.21 12.89 -15.63
C ILE D 194 -8.61 13.50 -16.92
N THR D 195 -7.42 14.10 -16.83
CA THR D 195 -6.80 14.73 -18.00
C THR D 195 -6.65 13.75 -19.20
N LEU D 196 -6.32 12.50 -18.91
CA LEU D 196 -6.13 11.50 -19.97
C LEU D 196 -7.43 11.31 -20.77
N ASP D 197 -8.55 11.15 -20.10
CA ASP D 197 -9.86 10.96 -20.79
C ASP D 197 -10.28 12.23 -21.52
N GLN D 198 -9.95 13.37 -20.91
CA GLN D 198 -10.27 14.66 -21.52
C GLN D 198 -9.53 14.81 -22.84
N MET D 199 -8.27 14.36 -22.86
CA MET D 199 -7.46 14.51 -24.07
C MET D 199 -8.09 13.68 -25.18
N VAL D 200 -8.45 12.46 -24.86
CA VAL D 200 -8.97 11.54 -25.84
C VAL D 200 -10.26 12.14 -26.41
N GLY D 201 -11.14 12.60 -25.54
CA GLY D 201 -12.41 13.22 -25.95
C GLY D 201 -12.27 14.50 -26.77
N ALA D 202 -11.31 15.33 -26.41
CA ALA D 202 -11.07 16.58 -27.17
C ALA D 202 -10.58 16.29 -28.57
N LEU D 203 -9.63 15.35 -28.68
CA LEU D 203 -8.94 15.12 -29.97
C LEU D 203 -9.81 14.28 -30.92
N HIS D 204 -10.56 13.33 -30.35
CA HIS D 204 -11.56 12.62 -31.16
C HIS D 204 -12.57 13.60 -31.75
N ARG D 205 -12.94 14.62 -30.98
CA ARG D 205 -13.90 15.62 -31.44
C ARG D 205 -13.33 16.51 -32.55
N LEU D 206 -12.01 16.48 -32.75
CA LEU D 206 -11.37 17.25 -33.83
C LEU D 206 -11.47 16.54 -35.19
N ARG D 207 -11.85 15.25 -35.16
CA ARG D 207 -11.99 14.42 -36.36
C ARG D 207 -13.30 14.68 -37.11
N ASP D 208 -13.35 14.27 -38.39
CA ASP D 208 -14.54 14.45 -39.23
C ASP D 208 -15.55 13.29 -39.13
N ASP D 209 -15.06 12.13 -38.68
CA ASP D 209 -15.80 10.86 -38.81
C ASP D 209 -16.25 10.27 -37.47
N MET D 210 -16.52 11.12 -36.49
CA MET D 210 -16.88 10.62 -35.15
C MET D 210 -18.00 11.42 -34.49
N GLU D 211 -19.09 11.64 -35.22
CA GLU D 211 -20.30 12.27 -34.68
C GLU D 211 -20.89 11.46 -33.51
N ASP D 212 -20.54 10.17 -33.46
CA ASP D 212 -21.05 9.29 -32.41
C ASP D 212 -20.06 9.08 -31.24
N VAL D 213 -19.15 10.05 -31.03
CA VAL D 213 -18.27 10.04 -29.84
C VAL D 213 -19.08 9.97 -28.55
N GLN D 214 -18.53 9.24 -27.56
CA GLN D 214 -19.16 9.15 -26.25
C GLN D 214 -19.16 10.49 -25.52
N PRO D 215 -20.30 10.86 -24.92
CA PRO D 215 -20.36 12.09 -24.14
C PRO D 215 -19.37 12.04 -22.98
N TYR D 216 -18.93 13.21 -22.54
CA TYR D 216 -18.05 13.28 -21.38
C TYR D 216 -18.80 12.80 -20.15
N GLU D 217 -18.06 12.10 -19.30
CA GLU D 217 -18.63 11.47 -18.12
C GLU D 217 -17.57 11.55 -17.03
N ILE D 218 -17.91 12.14 -15.89
CA ILE D 218 -17.08 11.93 -14.70
C ILE D 218 -17.57 10.63 -14.06
N GLY D 219 -16.65 9.83 -13.59
CA GLY D 219 -17.05 8.59 -12.97
C GLY D 219 -17.11 7.47 -13.98
N ARG D 220 -16.57 7.69 -15.18
CA ARG D 220 -16.47 6.62 -16.17
C ARG D 220 -15.84 5.37 -15.55
N ASN D 221 -14.75 5.56 -14.82
CA ASN D 221 -14.11 4.45 -14.12
C ASN D 221 -14.13 4.68 -12.60
N LEU D 222 -13.99 3.61 -11.84
CA LEU D 222 -14.13 3.69 -10.40
C LEU D 222 -12.86 4.23 -9.72
N LEU D 223 -11.70 3.89 -10.27
CA LEU D 223 -10.41 4.29 -9.69
C LEU D 223 -9.70 5.28 -10.59
N LYS D 224 -8.89 6.16 -9.99
CA LYS D 224 -8.09 7.08 -10.77
C LYS D 224 -6.93 6.32 -11.40
N VAL D 225 -6.55 6.74 -12.60
CA VAL D 225 -5.28 6.28 -13.16
C VAL D 225 -4.15 6.56 -12.16
N PRO D 226 -3.12 5.71 -12.15
CA PRO D 226 -2.01 5.84 -11.20
C PRO D 226 -1.20 7.13 -11.38
N TYR D 227 -0.42 7.47 -10.35
CA TYR D 227 0.49 8.59 -10.43
C TYR D 227 1.36 8.47 -11.69
N CYS D 228 1.46 9.58 -12.42
CA CYS D 228 2.24 9.68 -13.67
C CYS D 228 1.82 8.66 -14.73
N ALA D 229 0.55 8.25 -14.69
CA ALA D 229 -0.06 7.49 -15.82
C ALA D 229 0.06 8.30 -17.09
N LEU D 230 0.52 7.68 -18.18
CA LEU D 230 0.73 8.39 -19.44
C LEU D 230 -0.17 7.82 -20.54
N GLY D 231 -0.93 8.70 -21.18
CA GLY D 231 -1.76 8.36 -22.35
C GLY D 231 -1.20 9.04 -23.58
N ALA D 232 -1.41 8.43 -24.74
CA ALA D 232 -0.77 8.92 -25.95
C ALA D 232 -1.76 8.87 -27.12
N MET D 233 -1.68 9.87 -27.97
CA MET D 233 -2.41 9.86 -29.24
C MET D 233 -1.45 10.31 -30.32
N ARG D 234 -1.69 9.89 -31.55
CA ARG D 234 -0.96 10.40 -32.71
C ARG D 234 -1.94 10.80 -33.77
N GLY D 235 -1.58 11.79 -34.59
CA GLY D 235 -2.51 12.34 -35.57
C GLY D 235 -1.79 13.27 -36.52
N LYS D 236 -2.46 13.71 -37.58
CA LYS D 236 -3.86 13.36 -37.89
C LYS D 236 -3.97 12.06 -38.71
N PRO D 237 -5.11 11.35 -38.59
CA PRO D 237 -6.28 11.57 -37.73
C PRO D 237 -5.99 11.10 -36.31
N TRP D 238 -6.61 11.72 -35.31
CA TRP D 238 -6.24 11.46 -33.90
C TRP D 238 -6.70 10.10 -33.40
N ASP D 239 -5.72 9.28 -33.03
CA ASP D 239 -5.96 7.90 -32.58
C ASP D 239 -5.21 7.71 -31.28
N VAL D 240 -5.86 7.00 -30.37
CA VAL D 240 -5.21 6.48 -29.15
C VAL D 240 -4.22 5.38 -29.54
N VAL D 241 -2.97 5.53 -29.11
CA VAL D 241 -1.90 4.58 -29.42
C VAL D 241 -1.13 4.23 -28.15
N SER D 242 -0.36 3.15 -28.20
CA SER D 242 0.48 2.78 -27.08
C SER D 242 1.50 3.88 -26.89
N PRO D 243 1.72 4.32 -25.64
CA PRO D 243 2.76 5.29 -25.40
C PRO D 243 4.13 4.69 -25.71
N PRO D 244 5.12 5.54 -25.98
CA PRO D 244 6.43 5.10 -26.43
C PRO D 244 7.36 4.56 -25.32
N CYS D 245 6.90 4.58 -24.07
CA CYS D 245 7.63 3.99 -22.95
C CYS D 245 6.71 3.15 -22.05
N PRO D 246 7.30 2.27 -21.21
CA PRO D 246 6.44 1.39 -20.44
C PRO D 246 5.69 2.12 -19.33
N PRO D 247 4.69 1.45 -18.74
CA PRO D 247 4.04 1.92 -17.51
C PRO D 247 4.97 1.68 -16.32
N SER D 248 4.54 1.97 -15.10
CA SER D 248 5.41 1.87 -13.92
C SER D 248 4.62 1.34 -12.74
N ILE D 249 5.29 0.66 -11.80
CA ILE D 249 4.68 0.27 -10.51
C ILE D 249 5.73 0.37 -9.42
N ASN D 250 5.35 0.95 -8.29
CA ASN D 250 6.16 0.88 -7.09
C ASN D 250 5.35 0.53 -5.86
N SER D 251 6.03 -0.02 -4.87
CA SER D 251 5.35 -0.34 -3.62
C SER D 251 5.51 0.78 -2.58
N SER D 252 4.89 0.56 -1.43
CA SER D 252 4.96 1.52 -0.33
C SER D 252 6.15 1.20 0.59
N SER D 253 6.50 2.16 1.44
CA SER D 253 7.52 1.89 2.47
C SER D 253 7.19 2.84 3.62
N GLY D 254 7.03 2.29 4.81
CA GLY D 254 6.61 3.07 5.97
C GLY D 254 7.79 3.75 6.64
N ARG D 255 7.50 4.45 7.73
CA ARG D 255 8.45 5.35 8.38
C ARG D 255 9.04 4.64 9.58
N PHE D 256 10.38 4.53 9.62
CA PHE D 256 11.06 3.85 10.72
C PHE D 256 11.14 4.75 11.95
N ASP D 257 10.91 4.19 13.13
CA ASP D 257 11.11 4.92 14.39
C ASP D 257 12.26 4.22 15.11
N TRP D 258 13.42 4.89 15.13
CA TRP D 258 14.67 4.32 15.65
C TRP D 258 14.58 3.91 17.12
N ARG D 259 13.62 4.50 17.84
CA ARG D 259 13.44 4.20 19.26
C ARG D 259 13.06 2.74 19.52
N ILE D 260 12.55 2.04 18.51
CA ILE D 260 12.25 0.61 18.70
C ILE D 260 13.53 -0.24 18.90
N LEU D 261 14.69 0.35 18.64
CA LEU D 261 16.00 -0.31 18.87
C LEU D 261 16.44 -0.27 20.33
N ILE D 262 15.78 0.56 21.13
CA ILE D 262 16.09 0.65 22.55
C ILE D 262 15.46 -0.53 23.29
#